data_5NC6
#
_entry.id   5NC6
#
_cell.length_a   49.358
_cell.length_b   118.012
_cell.length_c   98.618
_cell.angle_alpha   90.00
_cell.angle_beta   102.28
_cell.angle_gamma   90.00
#
_symmetry.space_group_name_H-M   'P 1 21 1'
#
loop_
_entity.id
_entity.type
_entity.pdbx_description
1 polymer 'Peptidoglycan N-acetylglucosamine deacetylase'
2 polymer 'Peptidoglycan N-acetylglucosamine deacetylase'
3 non-polymer 'ACETATE ION'
4 non-polymer 'ZINC ION'
5 non-polymer 1,2-ETHANEDIOL
6 non-polymer 3-naphthalen-1-yl-~{N}-oxidanyl-propanamide
7 non-polymer 'TRIETHYLENE GLYCOL'
8 water water
#
loop_
_entity_poly.entity_id
_entity_poly.type
_entity_poly.pdbx_seq_one_letter_code
_entity_poly.pdbx_strand_id
1 'polypeptide(L)'
;KVAYLTFDDGPGKYTAELLNTLKQHDAKATFFLIGANVKEFPDLVKRENAEGHYVGMHSMTHNFAKLYKNGEYVNEMKED
QGLIANIIGKSPKLTRPPYGSMPGLNEGLRNKVVEGGFKVWDWTIDSLDWRYNKMPVDAAAAQIAQNVLTNATKPQEVIL
MHDIHPQSVAAVPAILKGLKEKGYEFEAYHEESHFPVNFWHDNRM
;
A
2 'polypeptide(L)'
;MEKALKIKQIVVVLIAIAAVAIGYYMFQSITSPAKAVAKQENVVQLASEQPKVEMNKTAPSRFNGKERKVAYLTFDDGPG
KYTAELLNTLKQHDAKATFFLIGANVKEFPDLVKRENAEGHYVGMHSMTHNFAKLYKNGEYVNEMKEDQGLIANIIGKSP
KLTRPPYGSMPGLNEGLRNKVVEGGFKVWDWTIDSLDWRYNKMPVDAAAAQIAQNVLTNATKPQEVILMHDIHPQSVAAV
PAILKGLKEKGYEFEAYHEESHFPVNFWHDNRM
;
B,C,D
#
# COMPACT_ATOMS: atom_id res chain seq x y z
N LYS A 1 31.92 -17.78 10.52
CA LYS A 1 30.48 -18.08 10.44
C LYS A 1 29.94 -18.58 11.78
N VAL A 2 28.80 -18.10 12.21
CA VAL A 2 28.22 -18.49 13.50
C VAL A 2 26.77 -18.89 13.29
N ALA A 3 26.33 -19.94 13.98
CA ALA A 3 25.00 -20.53 13.84
C ALA A 3 24.29 -20.53 15.19
N TYR A 4 23.23 -19.73 15.30
CA TYR A 4 22.50 -19.55 16.56
C TYR A 4 21.24 -20.41 16.53
N LEU A 5 21.30 -21.58 17.17
CA LEU A 5 20.09 -22.38 17.26
C LEU A 5 19.17 -21.82 18.36
N THR A 6 17.93 -21.58 17.99
CA THR A 6 16.91 -21.13 18.92
C THR A 6 15.84 -22.22 19.05
N PHE A 7 15.27 -22.36 20.25
CA PHE A 7 14.19 -23.31 20.49
C PHE A 7 13.05 -22.61 21.21
N ASP A 8 11.83 -22.84 20.70
CA ASP A 8 10.61 -22.18 21.15
C ASP A 8 9.75 -23.09 22.02
N ASP A 9 8.85 -22.46 22.76
CA ASP A 9 7.67 -23.02 23.41
C ASP A 9 7.99 -23.96 24.57
N GLY A 10 9.27 -24.05 24.98
CA GLY A 10 9.66 -24.87 26.11
C GLY A 10 9.81 -24.12 27.43
N PRO A 11 10.36 -24.81 28.44
CA PRO A 11 10.94 -26.16 28.43
C PRO A 11 9.92 -27.32 28.43
N GLY A 12 10.39 -28.51 28.04
CA GLY A 12 9.52 -29.66 27.89
C GLY A 12 10.22 -30.96 28.21
N LYS A 13 9.54 -32.08 27.92
CA LYS A 13 10.02 -33.42 28.29
C LYS A 13 11.41 -33.71 27.72
N TYR A 14 11.67 -33.27 26.49
CA TYR A 14 12.89 -33.58 25.78
C TYR A 14 13.95 -32.51 25.93
N THR A 15 13.61 -31.41 26.61
CA THR A 15 14.59 -30.35 26.87
C THR A 15 15.84 -30.91 27.49
N ALA A 16 15.66 -31.82 28.46
CA ALA A 16 16.79 -32.40 29.18
C ALA A 16 17.67 -33.23 28.27
N GLU A 17 17.06 -34.02 27.37
CA GLU A 17 17.80 -34.75 26.34
C GLU A 17 18.55 -33.79 25.42
N LEU A 18 17.88 -32.72 24.97
CA LEU A 18 18.51 -31.75 24.09
C LEU A 18 19.70 -31.09 24.78
N LEU A 19 19.56 -30.78 26.07
CA LEU A 19 20.67 -30.15 26.79
C LEU A 19 21.88 -31.07 26.88
N ASN A 20 21.67 -32.38 27.04
CA ASN A 20 22.80 -33.31 26.99
C ASN A 20 23.47 -33.29 25.63
N THR A 21 22.67 -33.42 24.55
CA THR A 21 23.21 -33.42 23.19
C THR A 21 24.06 -32.18 22.94
N LEU A 22 23.60 -31.01 23.39
CA LEU A 22 24.39 -29.79 23.28
C LEU A 22 25.68 -29.88 24.09
N LYS A 23 25.58 -30.31 25.35
CA LYS A 23 26.76 -30.42 26.21
C LYS A 23 27.84 -31.26 25.55
N GLN A 24 27.45 -32.32 24.85
CA GLN A 24 28.43 -33.26 24.32
C GLN A 24 29.09 -32.78 23.04
N HIS A 25 28.42 -31.94 22.26
CA HIS A 25 29.03 -31.36 21.08
C HIS A 25 29.60 -29.98 21.36
N ASP A 26 29.71 -29.61 22.64
CA ASP A 26 30.22 -28.31 23.06
C ASP A 26 29.53 -27.17 22.30
N ALA A 27 28.21 -27.21 22.31
CA ALA A 27 27.37 -26.28 21.56
C ALA A 27 26.58 -25.41 22.53
N LYS A 28 26.32 -24.18 22.11
CA LYS A 28 25.53 -23.23 22.87
C LYS A 28 24.35 -22.76 22.02
N ALA A 29 23.23 -22.48 22.69
CA ALA A 29 21.96 -22.25 22.00
C ALA A 29 21.14 -21.20 22.74
N THR A 30 19.95 -20.93 22.21
CA THR A 30 19.10 -19.86 22.68
C THR A 30 17.70 -20.40 22.91
N PHE A 31 17.09 -20.04 24.04
CA PHE A 31 15.82 -20.65 24.46
C PHE A 31 14.79 -19.58 24.77
N PHE A 32 13.66 -19.61 24.07
CA PHE A 32 12.57 -18.67 24.28
C PHE A 32 11.47 -19.43 24.99
N LEU A 33 11.26 -19.11 26.25
CA LEU A 33 10.51 -19.97 27.13
C LEU A 33 9.14 -19.36 27.39
N ILE A 34 8.12 -20.21 27.36
CA ILE A 34 6.76 -19.77 27.69
C ILE A 34 6.62 -19.72 29.21
N GLY A 35 5.85 -18.74 29.69
CA GLY A 35 5.75 -18.53 31.13
C GLY A 35 5.28 -19.76 31.89
N ALA A 36 4.26 -20.44 31.38
CA ALA A 36 3.69 -21.55 32.13
C ALA A 36 4.66 -22.71 32.20
N ASN A 37 5.57 -22.81 31.23
CA ASN A 37 6.57 -23.85 31.24
C ASN A 37 7.77 -23.53 32.13
N VAL A 38 8.03 -22.24 32.41
CA VAL A 38 9.04 -21.94 33.40
C VAL A 38 8.46 -22.14 34.80
N LYS A 39 7.15 -21.92 34.96
CA LYS A 39 6.51 -22.25 36.23
C LYS A 39 6.52 -23.74 36.50
N GLU A 40 6.67 -24.57 35.48
CA GLU A 40 6.58 -26.01 35.70
C GLU A 40 7.93 -26.68 35.71
N PHE A 41 8.90 -26.13 34.98
CA PHE A 41 10.23 -26.72 34.84
C PHE A 41 11.31 -25.77 35.33
N PRO A 42 11.23 -25.29 36.57
CA PRO A 42 12.27 -24.36 37.04
C PRO A 42 13.68 -24.92 36.89
N ASP A 43 13.87 -26.22 37.15
CA ASP A 43 15.21 -26.81 37.07
C ASP A 43 15.75 -26.77 35.66
N LEU A 44 14.91 -27.02 34.66
CA LEU A 44 15.37 -26.94 33.27
C LEU A 44 15.79 -25.52 32.93
N VAL A 45 14.95 -24.55 33.31
CA VAL A 45 15.27 -23.13 33.12
C VAL A 45 16.64 -22.83 33.73
N LYS A 46 16.80 -23.23 34.99
CA LYS A 46 18.03 -22.94 35.72
C LYS A 46 19.21 -23.67 35.13
N ARG A 47 18.95 -24.85 34.57
CA ARG A 47 20.03 -25.58 33.94
C ARG A 47 20.45 -24.93 32.64
N GLU A 48 19.49 -24.43 31.87
CA GLU A 48 19.79 -23.85 30.57
C GLU A 48 20.75 -22.68 30.70
N ASN A 49 20.48 -21.75 31.61
CA ASN A 49 21.42 -20.68 31.84
C ASN A 49 22.76 -21.26 32.30
N ALA A 50 22.71 -22.12 33.32
CA ALA A 50 23.89 -22.68 33.97
C ALA A 50 24.89 -23.25 32.99
N GLU A 51 24.44 -23.87 31.90
CA GLU A 51 25.36 -24.55 30.99
C GLU A 51 25.67 -23.72 29.74
N GLY A 52 25.45 -22.41 29.80
CA GLY A 52 26.02 -21.53 28.81
C GLY A 52 25.11 -21.23 27.64
N HIS A 53 23.80 -21.22 27.86
CA HIS A 53 22.84 -20.90 26.81
C HIS A 53 22.09 -19.64 27.19
N TYR A 54 21.66 -18.89 26.17
CA TYR A 54 20.79 -17.76 26.41
C TYR A 54 19.38 -18.23 26.70
N VAL A 55 18.71 -17.51 27.59
CA VAL A 55 17.34 -17.82 28.01
C VAL A 55 16.52 -16.55 27.88
N GLY A 56 15.74 -16.46 26.79
CA GLY A 56 14.86 -15.34 26.53
C GLY A 56 13.40 -15.72 26.64
N MET A 57 12.55 -14.75 26.35
CA MET A 57 11.12 -14.98 26.52
C MET A 57 10.39 -15.21 25.19
N HIS A 58 9.20 -15.82 25.31
CA HIS A 58 8.29 -16.21 24.25
C HIS A 58 6.87 -16.06 24.76
N SER A 59 6.69 -15.27 25.83
CA SER A 59 5.41 -14.76 26.32
C SER A 59 4.71 -15.67 27.33
N MET A 60 3.51 -15.26 27.71
CA MET A 60 2.69 -15.94 28.71
C MET A 60 1.60 -16.82 28.12
N THR A 61 0.87 -16.33 27.11
CA THR A 61 -0.25 -17.07 26.56
C THR A 61 0.02 -17.64 25.17
N HIS A 62 1.12 -17.26 24.51
CA HIS A 62 1.36 -17.67 23.13
C HIS A 62 0.08 -17.58 22.32
N ASN A 63 -0.71 -16.55 22.58
CA ASN A 63 -2.03 -16.37 21.98
C ASN A 63 -2.01 -15.14 21.09
N PHE A 64 -2.31 -15.35 19.81
CA PHE A 64 -2.12 -14.32 18.78
C PHE A 64 -3.01 -13.10 19.01
N ALA A 65 -4.30 -13.33 19.28
CA ALA A 65 -5.23 -12.21 19.44
C ALA A 65 -4.87 -11.35 20.66
N LYS A 66 -4.46 -12.00 21.77
CA LYS A 66 -4.12 -11.27 22.99
C LYS A 66 -2.86 -10.45 22.80
N LEU A 67 -1.79 -11.08 22.34
CA LEU A 67 -0.54 -10.37 22.19
C LEU A 67 -0.70 -9.17 21.26
N TYR A 68 -1.09 -9.43 20.01
CA TYR A 68 -1.01 -8.46 18.92
C TYR A 68 -2.28 -7.63 18.73
N LYS A 69 -3.45 -8.27 18.60
CA LYS A 69 -4.60 -7.44 18.31
C LYS A 69 -5.08 -6.69 19.55
N ASN A 70 -4.99 -7.29 20.74
CA ASN A 70 -5.33 -6.59 21.97
C ASN A 70 -4.12 -5.96 22.65
N GLY A 71 -2.95 -5.97 21.99
CA GLY A 71 -1.77 -5.24 22.41
C GLY A 71 -1.13 -5.64 23.73
N GLU A 72 -1.19 -6.93 24.10
CA GLU A 72 -0.69 -7.37 25.39
C GLU A 72 0.75 -7.88 25.33
N TYR A 73 1.40 -7.75 24.17
CA TYR A 73 2.69 -8.39 23.94
C TYR A 73 3.70 -8.01 25.02
N VAL A 74 4.04 -6.72 25.08
CA VAL A 74 5.09 -6.25 25.99
C VAL A 74 4.74 -6.65 27.43
N ASN A 75 3.47 -6.53 27.80
CA ASN A 75 3.01 -6.90 29.12
C ASN A 75 3.33 -8.36 29.44
N GLU A 76 2.95 -9.27 28.55
CA GLU A 76 3.23 -10.66 28.84
C GLU A 76 4.69 -11.03 28.62
N MET A 77 5.49 -10.22 27.92
CA MET A 77 6.92 -10.51 27.97
C MET A 77 7.54 -10.00 29.26
N LYS A 78 7.05 -8.85 29.76
CA LYS A 78 7.59 -8.36 31.02
C LYS A 78 7.33 -9.37 32.14
N GLU A 79 6.07 -9.79 32.29
CA GLU A 79 5.73 -10.87 33.21
C GLU A 79 6.61 -12.09 32.98
N ASP A 80 6.80 -12.49 31.73
CA ASP A 80 7.63 -13.67 31.47
C ASP A 80 9.05 -13.42 31.93
N GLN A 81 9.58 -12.23 31.64
CA GLN A 81 10.91 -11.86 32.11
C GLN A 81 11.00 -11.90 33.63
N GLY A 82 9.96 -11.43 34.31
CA GLY A 82 9.95 -11.52 35.76
C GLY A 82 10.15 -12.93 36.26
N LEU A 83 9.34 -13.87 35.75
CA LEU A 83 9.44 -15.25 36.20
C LEU A 83 10.84 -15.80 35.95
N ILE A 84 11.40 -15.53 34.78
CA ILE A 84 12.73 -16.05 34.48
C ILE A 84 13.76 -15.43 35.41
N ALA A 85 13.59 -14.15 35.75
CA ALA A 85 14.54 -13.49 36.64
C ALA A 85 14.57 -14.16 38.01
N ASN A 86 13.41 -14.57 38.53
CA ASN A 86 13.30 -15.29 39.80
C ASN A 86 13.99 -16.64 39.80
N ILE A 87 14.74 -16.99 38.77
CA ILE A 87 15.52 -18.21 38.73
C ILE A 87 16.99 -17.93 38.47
N ILE A 88 17.27 -17.22 37.38
CA ILE A 88 18.64 -16.95 36.98
C ILE A 88 19.13 -15.61 37.48
N GLY A 89 18.26 -14.83 38.10
CA GLY A 89 18.69 -13.66 38.84
C GLY A 89 19.13 -12.52 37.98
N LYS A 90 18.97 -12.61 36.67
CA LYS A 90 19.08 -11.48 35.77
C LYS A 90 17.84 -11.41 34.90
N SER A 91 17.60 -10.23 34.35
CA SER A 91 16.40 -10.01 33.56
C SER A 91 16.77 -9.94 32.09
N PRO A 92 16.56 -11.01 31.33
CA PRO A 92 16.94 -11.00 29.91
C PRO A 92 16.04 -10.05 29.15
N LYS A 93 16.60 -9.48 28.09
CA LYS A 93 15.88 -8.49 27.32
C LYS A 93 15.36 -9.03 26.00
N LEU A 94 15.98 -10.05 25.44
CA LEU A 94 15.62 -10.50 24.10
C LEU A 94 14.34 -11.33 24.11
N THR A 95 13.46 -11.02 23.17
CA THR A 95 12.17 -11.68 23.03
C THR A 95 12.09 -12.35 21.67
N ARG A 96 11.27 -13.41 21.61
CA ARG A 96 10.94 -14.08 20.37
C ARG A 96 9.43 -14.05 20.25
N PRO A 97 8.88 -13.42 19.21
CA PRO A 97 7.41 -13.32 19.08
C PRO A 97 6.82 -14.66 18.72
N PRO A 98 5.81 -15.10 19.46
CA PRO A 98 4.93 -16.17 18.95
C PRO A 98 4.41 -15.82 17.57
N TYR A 99 4.63 -16.73 16.62
CA TYR A 99 4.22 -16.60 15.22
C TYR A 99 4.98 -15.52 14.47
N GLY A 100 6.09 -15.04 15.04
CA GLY A 100 6.92 -14.05 14.40
C GLY A 100 6.36 -12.66 14.60
N SER A 101 7.18 -11.64 14.29
CA SER A 101 6.75 -10.25 14.47
C SER A 101 5.96 -9.72 13.28
N MET A 102 6.06 -10.36 12.10
CA MET A 102 5.25 -9.89 11.03
C MET A 102 3.97 -10.67 10.96
N PRO A 103 2.81 -10.00 10.85
CA PRO A 103 2.58 -8.57 10.82
C PRO A 103 1.96 -8.05 12.18
N GLY A 104 1.95 -8.94 13.18
CA GLY A 104 1.27 -8.65 14.42
C GLY A 104 1.92 -7.60 15.29
N LEU A 105 3.23 -7.40 15.14
CA LEU A 105 3.95 -6.38 15.92
C LEU A 105 3.92 -5.08 15.14
N ASN A 106 2.82 -4.36 15.31
CA ASN A 106 2.62 -3.14 14.57
C ASN A 106 3.53 -2.02 15.09
N GLU A 107 3.54 -0.90 14.38
CA GLU A 107 4.41 0.21 14.74
C GLU A 107 4.18 0.68 16.18
N GLY A 108 2.94 0.66 16.65
CA GLY A 108 2.69 1.07 18.02
C GLY A 108 3.29 0.12 19.04
N LEU A 109 3.31 -1.18 18.73
CA LEU A 109 3.86 -2.13 19.70
C LEU A 109 5.37 -2.19 19.60
N ARG A 110 5.93 -2.10 18.40
CA ARG A 110 7.38 -2.02 18.33
C ARG A 110 7.92 -0.80 19.08
N ASN A 111 7.11 0.25 19.28
CA ASN A 111 7.53 1.38 20.09
C ASN A 111 7.55 1.00 21.57
N LYS A 112 6.47 0.39 22.04
CA LYS A 112 6.43 -0.16 23.39
C LYS A 112 7.64 -1.08 23.65
N VAL A 113 8.03 -1.88 22.66
CA VAL A 113 9.14 -2.82 22.87
C VAL A 113 10.45 -2.08 23.01
N VAL A 114 10.73 -1.15 22.10
CA VAL A 114 11.96 -0.37 22.27
C VAL A 114 11.91 0.40 23.59
N GLU A 115 10.77 1.03 23.88
CA GLU A 115 10.57 1.70 25.16
C GLU A 115 10.81 0.77 26.36
N GLY A 116 10.17 -0.40 26.37
CA GLY A 116 10.23 -1.25 27.55
C GLY A 116 11.58 -1.85 27.83
N GLY A 117 12.57 -1.67 26.95
CA GLY A 117 13.89 -2.25 27.12
C GLY A 117 14.17 -3.48 26.28
N PHE A 118 13.15 -4.06 25.64
CA PHE A 118 13.24 -5.36 25.00
C PHE A 118 13.77 -5.28 23.57
N LYS A 119 14.44 -6.34 23.18
CA LYS A 119 14.74 -6.63 21.79
C LYS A 119 13.75 -7.67 21.28
N VAL A 120 13.73 -7.86 19.97
CA VAL A 120 12.89 -8.85 19.32
C VAL A 120 13.76 -9.61 18.35
N TRP A 121 13.64 -10.93 18.33
CA TRP A 121 14.33 -11.68 17.31
C TRP A 121 13.38 -12.66 16.63
N ASP A 122 13.49 -12.72 15.31
CA ASP A 122 12.77 -13.70 14.51
C ASP A 122 13.75 -14.81 14.16
N TRP A 123 13.71 -15.32 12.93
CA TRP A 123 14.63 -16.37 12.53
C TRP A 123 15.03 -16.17 11.08
N THR A 124 16.06 -16.91 10.67
CA THR A 124 16.51 -16.99 9.29
C THR A 124 16.07 -18.25 8.61
N ILE A 125 16.02 -19.35 9.36
CA ILE A 125 15.69 -20.67 8.85
C ILE A 125 14.53 -21.22 9.69
N ASP A 126 13.47 -21.66 9.01
CA ASP A 126 12.40 -22.39 9.68
C ASP A 126 12.64 -23.87 9.41
N SER A 127 13.09 -24.58 10.45
CA SER A 127 13.27 -26.03 10.38
C SER A 127 12.03 -26.76 9.89
N LEU A 128 10.86 -26.11 9.93
CA LEU A 128 9.57 -26.74 9.59
C LEU A 128 9.32 -28.00 10.41
N ASP A 129 9.92 -28.10 11.60
CA ASP A 129 9.82 -29.30 12.42
C ASP A 129 8.37 -29.68 12.75
N TRP A 130 7.43 -28.72 12.72
CA TRP A 130 6.07 -29.03 13.10
C TRP A 130 5.35 -29.85 12.03
N ARG A 131 5.87 -29.89 10.80
CA ARG A 131 5.28 -30.70 9.74
C ARG A 131 5.24 -32.16 10.15
N TYR A 132 6.28 -32.64 10.84
CA TYR A 132 6.50 -34.05 11.09
C TYR A 132 6.10 -34.49 12.48
N ASN A 133 5.16 -33.77 13.10
CA ASN A 133 4.66 -34.13 14.41
C ASN A 133 3.92 -35.46 14.32
N LYS A 134 4.29 -36.40 15.21
CA LYS A 134 3.62 -37.69 15.36
C LYS A 134 3.88 -38.62 14.19
N MET A 135 5.03 -38.53 13.52
CA MET A 135 5.43 -39.62 12.64
C MET A 135 6.78 -40.15 13.07
N PRO A 136 7.13 -41.41 12.67
CA PRO A 136 8.44 -42.02 13.02
C PRO A 136 9.60 -41.05 13.21
N VAL A 137 10.07 -40.98 14.46
CA VAL A 137 10.93 -39.89 14.90
C VAL A 137 12.26 -39.92 14.18
N ASP A 138 12.85 -41.12 14.03
CA ASP A 138 14.11 -41.26 13.30
C ASP A 138 14.05 -40.53 11.96
N ALA A 139 13.09 -40.93 11.11
CA ALA A 139 12.96 -40.34 9.77
C ALA A 139 12.50 -38.88 9.83
N ALA A 140 11.47 -38.59 10.62
CA ALA A 140 11.04 -37.21 10.83
C ALA A 140 12.22 -36.30 11.16
N ALA A 141 13.13 -36.78 12.02
CA ALA A 141 14.30 -35.99 12.37
C ALA A 141 15.26 -35.83 11.18
N ALA A 142 15.53 -36.94 10.48
CA ALA A 142 16.48 -36.88 9.36
C ALA A 142 16.08 -35.80 8.36
N GLN A 143 14.77 -35.60 8.15
CA GLN A 143 14.26 -34.67 7.15
C GLN A 143 14.35 -33.22 7.62
N ILE A 144 14.09 -32.95 8.91
CA ILE A 144 14.25 -31.59 9.43
C ILE A 144 15.70 -31.18 9.38
N ALA A 145 16.63 -32.12 9.64
CA ALA A 145 18.04 -31.88 9.37
C ALA A 145 18.24 -31.39 7.94
N GLN A 146 17.75 -32.15 6.96
CA GLN A 146 17.88 -31.79 5.56
C GLN A 146 17.43 -30.36 5.31
N ASN A 147 16.26 -29.99 5.83
CA ASN A 147 15.69 -28.67 5.59
C ASN A 147 16.65 -27.55 5.96
N VAL A 148 17.24 -27.63 7.16
CA VAL A 148 18.06 -26.53 7.61
C VAL A 148 19.43 -26.53 6.96
N LEU A 149 20.07 -27.71 6.88
CA LEU A 149 21.35 -27.78 6.18
C LEU A 149 21.21 -27.25 4.75
N THR A 150 20.11 -27.61 4.08
CA THR A 150 19.82 -27.13 2.73
C THR A 150 19.85 -25.61 2.64
N ASN A 151 19.45 -24.91 3.71
CA ASN A 151 19.32 -23.46 3.70
C ASN A 151 20.45 -22.73 4.40
N ALA A 152 21.46 -23.44 4.89
CA ALA A 152 22.59 -22.81 5.57
C ALA A 152 23.55 -22.27 4.52
N THR A 153 23.47 -20.97 4.26
CA THR A 153 24.27 -20.31 3.24
C THR A 153 24.92 -19.01 3.72
N LYS A 154 24.37 -18.34 4.74
CA LYS A 154 24.68 -17.00 5.20
C LYS A 154 25.75 -17.03 6.28
N PRO A 155 26.47 -15.92 6.49
CA PRO A 155 27.48 -15.90 7.55
C PRO A 155 26.90 -16.06 8.95
N GLN A 156 25.89 -15.28 9.30
CA GLN A 156 25.12 -15.49 10.53
C GLN A 156 23.79 -16.15 10.18
N GLU A 157 23.34 -17.07 11.05
CA GLU A 157 22.11 -17.80 10.82
C GLU A 157 21.42 -18.05 12.14
N VAL A 158 20.12 -17.83 12.16
CA VAL A 158 19.27 -18.01 13.33
C VAL A 158 18.20 -19.01 12.95
N ILE A 159 18.09 -20.09 13.70
CA ILE A 159 17.30 -21.24 13.30
C ILE A 159 16.16 -21.45 14.29
N LEU A 160 14.94 -21.53 13.76
CA LEU A 160 13.77 -21.83 14.57
C LEU A 160 13.65 -23.34 14.69
N MET A 161 13.73 -23.83 15.93
CA MET A 161 13.38 -25.21 16.31
C MET A 161 12.43 -25.16 17.48
N HIS A 162 12.01 -26.34 17.95
CA HIS A 162 11.11 -26.45 19.09
C HIS A 162 11.52 -27.69 19.89
N ASP A 163 11.94 -27.48 21.14
CA ASP A 163 12.41 -28.59 21.97
C ASP A 163 11.27 -29.28 22.72
N ILE A 164 10.02 -28.97 22.37
CA ILE A 164 8.87 -29.73 22.85
C ILE A 164 8.53 -30.87 21.90
N HIS A 165 9.33 -31.09 20.86
CA HIS A 165 9.07 -32.11 19.86
C HIS A 165 10.15 -33.18 19.83
N PRO A 166 9.80 -34.47 19.91
CA PRO A 166 10.82 -35.52 19.73
C PRO A 166 11.59 -35.41 18.42
N GLN A 167 10.90 -35.19 17.29
CA GLN A 167 11.54 -35.14 15.97
C GLN A 167 12.63 -34.09 15.90
N SER A 168 12.32 -32.89 16.41
CA SER A 168 13.25 -31.78 16.34
C SER A 168 14.48 -32.04 17.20
N VAL A 169 14.27 -32.50 18.44
CA VAL A 169 15.39 -32.80 19.33
C VAL A 169 16.24 -33.93 18.76
N ALA A 170 15.59 -34.91 18.15
CA ALA A 170 16.30 -36.08 17.63
C ALA A 170 17.33 -35.70 16.57
N ALA A 171 17.11 -34.59 15.87
CA ALA A 171 17.92 -34.24 14.69
C ALA A 171 18.86 -33.07 14.93
N VAL A 172 18.85 -32.48 16.10
CA VAL A 172 19.92 -31.58 16.53
C VAL A 172 21.27 -32.27 16.28
N PRO A 173 21.43 -33.58 16.56
CA PRO A 173 22.74 -34.21 16.26
C PRO A 173 23.22 -34.04 14.83
N ALA A 174 22.36 -34.34 13.85
CA ALA A 174 22.76 -34.21 12.45
C ALA A 174 23.02 -32.76 12.05
N ILE A 175 22.19 -31.83 12.56
CA ILE A 175 22.37 -30.42 12.24
C ILE A 175 23.73 -29.94 12.71
N LEU A 176 24.11 -30.31 13.94
CA LEU A 176 25.41 -29.90 14.47
C LEU A 176 26.55 -30.38 13.60
N LYS A 177 26.44 -31.62 13.07
CA LYS A 177 27.49 -32.14 12.20
C LYS A 177 27.51 -31.41 10.87
N GLY A 178 26.36 -31.32 10.20
CA GLY A 178 26.33 -30.68 8.90
C GLY A 178 26.79 -29.24 8.95
N LEU A 179 26.41 -28.52 10.01
CA LEU A 179 26.73 -27.10 10.08
C LEU A 179 28.18 -26.86 10.46
N LYS A 180 28.73 -27.61 11.42
CA LYS A 180 30.14 -27.44 11.73
C LYS A 180 31.03 -27.98 10.62
N GLU A 181 30.51 -28.88 9.78
CA GLU A 181 31.21 -29.24 8.55
C GLU A 181 31.31 -28.04 7.63
N LYS A 182 30.19 -27.33 7.45
CA LYS A 182 30.15 -26.12 6.63
C LYS A 182 30.90 -24.96 7.25
N GLY A 183 31.61 -25.16 8.35
CA GLY A 183 32.43 -24.13 8.95
C GLY A 183 31.73 -23.20 9.92
N TYR A 184 30.60 -23.62 10.48
CA TYR A 184 29.81 -22.79 11.37
C TYR A 184 30.23 -23.00 12.82
N GLU A 185 30.16 -21.94 13.61
CA GLU A 185 30.22 -22.01 15.06
C GLU A 185 28.79 -22.01 15.62
N PHE A 186 28.65 -22.42 16.88
CA PHE A 186 27.34 -22.63 17.49
C PHE A 186 27.25 -21.83 18.80
N GLU A 187 26.97 -20.53 18.68
CA GLU A 187 26.94 -19.68 19.86
C GLU A 187 25.51 -19.34 20.25
N ALA A 188 25.32 -19.02 21.52
CA ALA A 188 24.06 -18.49 22.06
C ALA A 188 24.03 -16.96 21.90
N TYR A 189 22.83 -16.41 21.96
CA TYR A 189 22.68 -14.97 21.81
C TYR A 189 23.20 -14.25 23.08
N HIS A 190 23.84 -13.08 22.91
CA HIS A 190 24.15 -12.26 24.07
C HIS A 190 23.88 -10.78 23.83
N GLU A 191 23.50 -10.10 24.92
CA GLU A 191 22.82 -8.81 24.84
C GLU A 191 23.75 -7.69 24.34
N GLU A 192 25.06 -7.77 24.58
CA GLU A 192 25.92 -6.77 23.93
C GLU A 192 26.35 -7.25 22.55
N SER A 193 26.01 -8.46 22.16
CA SER A 193 26.42 -8.91 20.84
C SER A 193 25.32 -8.63 19.84
N HIS A 194 24.33 -7.84 20.22
CA HIS A 194 23.04 -7.80 19.55
C HIS A 194 23.08 -6.98 18.27
N PHE A 195 22.72 -7.63 17.17
CA PHE A 195 22.46 -7.07 15.86
C PHE A 195 21.05 -7.47 15.45
N PRO A 196 20.36 -6.64 14.65
CA PRO A 196 18.92 -6.85 14.42
C PRO A 196 18.66 -8.00 13.45
N VAL A 197 17.70 -8.85 13.83
CA VAL A 197 17.17 -9.96 13.03
C VAL A 197 15.66 -9.98 13.28
N ASN A 198 14.91 -9.13 12.56
CA ASN A 198 13.46 -9.06 12.71
C ASN A 198 12.80 -8.80 11.36
N PHE A 199 11.64 -9.42 11.14
CA PHE A 199 11.01 -9.43 9.83
C PHE A 199 10.69 -8.03 9.32
N TRP A 200 10.60 -7.06 10.22
CA TRP A 200 10.32 -5.69 9.85
C TRP A 200 11.57 -4.90 9.51
N HIS A 201 12.76 -5.47 9.69
CA HIS A 201 14.04 -4.77 9.52
C HIS A 201 14.07 -3.51 10.38
N ASP A 202 13.31 -3.52 11.48
CA ASP A 202 13.33 -2.44 12.46
C ASP A 202 14.62 -2.58 13.26
N ASN A 203 15.60 -1.73 12.96
CA ASN A 203 16.90 -1.93 13.58
C ASN A 203 17.01 -1.30 14.96
N ARG A 204 15.91 -0.76 15.48
CA ARG A 204 15.82 -0.48 16.91
C ARG A 204 15.63 -1.75 17.75
N MET A 205 15.53 -2.93 17.15
CA MET A 205 15.03 -4.10 17.88
C MET A 205 15.90 -5.35 17.88
N ARG B 68 14.77 26.97 -11.27
CA ARG B 68 13.56 27.53 -10.66
C ARG B 68 12.77 26.46 -9.92
N LYS B 69 13.37 25.27 -9.72
CA LYS B 69 12.68 24.09 -9.18
C LYS B 69 12.68 24.08 -7.65
N VAL B 70 11.50 24.04 -7.03
CA VAL B 70 11.40 23.94 -5.58
C VAL B 70 10.53 22.74 -5.25
N ALA B 71 10.92 21.99 -4.22
CA ALA B 71 10.09 20.92 -3.69
C ALA B 71 9.70 21.25 -2.26
N TYR B 72 8.40 21.25 -1.98
CA TYR B 72 7.87 21.61 -0.66
C TYR B 72 7.51 20.32 0.05
N LEU B 73 8.38 19.87 0.94
CA LEU B 73 8.11 18.68 1.73
C LEU B 73 7.16 19.04 2.87
N THR B 74 5.98 18.46 2.85
CA THR B 74 5.06 18.61 3.95
C THR B 74 5.00 17.31 4.76
N PHE B 75 4.71 17.46 6.04
CA PHE B 75 4.60 16.33 6.95
C PHE B 75 3.40 16.60 7.83
N ASP B 76 2.45 15.67 7.85
CA ASP B 76 1.18 15.85 8.52
C ASP B 76 1.07 14.96 9.76
N ASP B 77 0.24 15.42 10.71
CA ASP B 77 -0.25 14.67 11.88
C ASP B 77 0.79 14.64 13.01
N GLY B 78 1.94 15.31 12.87
CA GLY B 78 2.93 15.38 13.93
C GLY B 78 2.62 16.40 15.02
N PRO B 79 3.59 16.70 15.91
CA PRO B 79 4.89 16.01 15.93
C PRO B 79 4.73 14.58 16.46
N GLY B 80 5.69 13.71 16.18
CA GLY B 80 5.60 12.32 16.59
C GLY B 80 6.94 11.81 17.08
N LYS B 81 6.95 10.52 17.45
CA LYS B 81 8.13 9.91 18.05
C LYS B 81 9.29 9.73 17.08
N TYR B 82 9.04 9.81 15.78
CA TYR B 82 10.11 9.71 14.78
C TYR B 82 10.51 11.07 14.24
N THR B 83 9.98 12.15 14.82
CA THR B 83 10.08 13.49 14.24
C THR B 83 11.46 14.13 14.43
N ALA B 84 12.11 13.92 15.59
CA ALA B 84 13.46 14.47 15.80
C ALA B 84 14.49 13.77 14.94
N GLU B 85 14.37 12.45 14.78
CA GLU B 85 15.10 11.72 13.75
C GLU B 85 14.99 12.45 12.41
N LEU B 86 13.75 12.61 11.93
CA LEU B 86 13.49 13.36 10.71
C LEU B 86 14.09 14.76 10.78
N LEU B 87 13.94 15.45 11.92
CA LEU B 87 14.52 16.79 12.04
C LEU B 87 16.04 16.76 11.82
N ASN B 88 16.73 15.71 12.27
CA ASN B 88 18.18 15.64 12.06
C ASN B 88 18.53 15.42 10.60
N THR B 89 17.80 14.51 9.93
CA THR B 89 18.09 14.21 8.52
C THR B 89 17.94 15.44 7.64
N LEU B 90 16.96 16.30 7.95
CA LEU B 90 16.80 17.55 7.21
C LEU B 90 18.00 18.46 7.45
N LYS B 91 18.38 18.64 8.72
CA LYS B 91 19.58 19.41 9.05
C LYS B 91 20.79 18.90 8.27
N GLN B 92 20.95 17.57 8.17
CA GLN B 92 22.14 16.99 7.55
C GLN B 92 22.24 17.32 6.06
N HIS B 93 21.12 17.58 5.40
CA HIS B 93 21.13 18.02 4.00
C HIS B 93 20.83 19.50 3.87
N ASP B 94 20.83 20.22 5.00
CA ASP B 94 20.39 21.61 5.12
C ASP B 94 19.19 21.88 4.21
N ALA B 95 18.14 21.10 4.46
CA ALA B 95 16.92 21.14 3.67
C ALA B 95 15.76 21.52 4.59
N LYS B 96 14.86 22.36 4.07
CA LYS B 96 13.75 22.91 4.85
C LYS B 96 12.42 22.37 4.34
N ALA B 97 11.41 22.43 5.21
CA ALA B 97 10.18 21.68 4.99
C ALA B 97 9.08 22.26 5.85
N THR B 98 7.90 21.63 5.79
CA THR B 98 6.68 22.20 6.33
C THR B 98 6.00 21.16 7.20
N PHE B 99 5.41 21.58 8.30
CA PHE B 99 4.87 20.63 9.26
C PHE B 99 3.47 21.07 9.65
N PHE B 100 2.52 20.16 9.45
CA PHE B 100 1.14 20.42 9.81
C PHE B 100 0.83 19.55 10.99
N LEU B 101 0.30 20.16 12.04
CA LEU B 101 0.35 19.59 13.37
C LEU B 101 -1.06 19.39 13.94
N ILE B 102 -1.25 18.27 14.56
CA ILE B 102 -2.48 18.07 15.33
C ILE B 102 -2.25 18.64 16.72
N GLY B 103 -3.24 19.38 17.22
CA GLY B 103 -3.07 20.08 18.48
C GLY B 103 -2.73 19.15 19.63
N ALA B 104 -3.30 17.94 19.62
CA ALA B 104 -3.04 16.96 20.67
C ALA B 104 -1.58 16.58 20.74
N ASN B 105 -0.88 16.61 19.59
CA ASN B 105 0.57 16.38 19.53
C ASN B 105 1.37 17.64 19.75
N VAL B 106 0.81 18.81 19.42
CA VAL B 106 1.39 20.05 19.90
C VAL B 106 1.57 20.01 21.42
N LYS B 107 0.54 19.53 22.11
CA LYS B 107 0.55 19.53 23.58
C LYS B 107 1.51 18.48 24.13
N GLU B 108 1.55 17.30 23.51
CA GLU B 108 2.40 16.23 24.01
C GLU B 108 3.86 16.45 23.64
N PHE B 109 4.17 17.04 22.48
CA PHE B 109 5.55 17.19 22.02
C PHE B 109 5.91 18.66 21.79
N PRO B 110 5.70 19.54 22.79
CA PRO B 110 5.95 20.96 22.54
C PRO B 110 7.40 21.29 22.21
N ASP B 111 8.40 20.58 22.75
CA ASP B 111 9.78 20.89 22.42
C ASP B 111 10.04 20.70 20.92
N LEU B 112 9.38 19.71 20.31
CA LEU B 112 9.57 19.46 18.88
C LEU B 112 8.90 20.53 18.02
N VAL B 113 7.77 21.07 18.48
CA VAL B 113 7.13 22.19 17.78
C VAL B 113 8.11 23.36 17.64
N LYS B 114 8.53 23.95 18.79
CA LYS B 114 9.47 25.08 18.71
C LYS B 114 10.81 24.67 18.14
N ARG B 115 11.11 23.38 18.11
CA ARG B 115 12.35 22.94 17.48
C ARG B 115 12.21 22.89 15.95
N GLU B 116 11.09 22.35 15.44
CA GLU B 116 10.77 22.44 14.02
C GLU B 116 10.89 23.87 13.53
N ASN B 117 10.28 24.79 14.26
CA ASN B 117 10.36 26.21 13.94
C ASN B 117 11.78 26.75 14.05
N ALA B 118 12.48 26.40 15.13
CA ALA B 118 13.82 26.96 15.34
C ALA B 118 14.84 26.47 14.31
N GLU B 119 14.55 25.40 13.56
CA GLU B 119 15.49 24.92 12.56
C GLU B 119 15.13 25.37 11.15
N GLY B 120 14.20 26.31 11.02
CA GLY B 120 13.84 26.81 9.71
C GLY B 120 12.79 25.98 9.00
N HIS B 121 11.72 25.62 9.66
CA HIS B 121 10.65 24.89 9.03
C HIS B 121 9.34 25.61 9.29
N TYR B 122 8.42 25.51 8.34
CA TYR B 122 7.12 26.10 8.54
C TYR B 122 6.32 25.22 9.48
N VAL B 123 5.74 25.83 10.49
CA VAL B 123 4.85 25.14 11.40
C VAL B 123 3.46 25.70 11.11
N GLY B 124 2.64 24.91 10.42
CA GLY B 124 1.25 25.23 10.20
C GLY B 124 0.33 24.23 10.87
N MET B 125 -0.96 24.54 10.81
CA MET B 125 -2.01 23.76 11.45
C MET B 125 -2.53 22.63 10.54
N HIS B 126 -2.57 21.40 11.07
CA HIS B 126 -3.61 20.42 10.73
C HIS B 126 -4.78 20.77 11.64
N SER B 127 -5.57 19.85 12.10
CA SER B 127 -6.66 20.30 12.95
C SER B 127 -6.34 20.12 14.44
N MET B 128 -7.40 20.07 15.26
CA MET B 128 -7.44 19.58 16.64
C MET B 128 -7.90 18.13 16.70
N THR B 129 -9.05 17.81 16.08
CA THR B 129 -9.68 16.47 16.16
C THR B 129 -9.32 15.54 15.01
N HIS B 130 -8.84 16.06 13.87
CA HIS B 130 -8.69 15.28 12.64
C HIS B 130 -9.92 14.40 12.39
N ASN B 131 -11.11 14.98 12.62
CA ASN B 131 -12.39 14.29 12.54
C ASN B 131 -13.23 14.91 11.43
N PHE B 132 -13.40 14.16 10.33
CA PHE B 132 -14.09 14.66 9.14
C PHE B 132 -15.51 15.13 9.45
N ALA B 133 -16.25 14.37 10.24
CA ALA B 133 -17.63 14.74 10.57
C ALA B 133 -17.68 16.09 11.29
N LYS B 134 -16.82 16.29 12.29
CA LYS B 134 -16.83 17.55 13.03
C LYS B 134 -16.22 18.68 12.22
N LEU B 135 -15.18 18.39 11.44
CA LEU B 135 -14.49 19.45 10.72
C LEU B 135 -15.35 20.05 9.63
N TYR B 136 -16.03 19.21 8.86
CA TYR B 136 -16.70 19.60 7.62
C TYR B 136 -18.22 19.49 7.71
N LYS B 137 -18.74 18.33 8.12
CA LYS B 137 -20.20 18.19 8.19
C LYS B 137 -20.79 19.19 9.20
N ASN B 138 -20.12 19.38 10.34
CA ASN B 138 -20.52 20.38 11.34
C ASN B 138 -19.77 21.70 11.20
N GLY B 139 -18.74 21.74 10.36
CA GLY B 139 -18.15 23.01 9.99
C GLY B 139 -17.27 23.61 11.04
N GLU B 140 -16.58 22.77 11.83
CA GLU B 140 -15.67 23.25 12.85
C GLU B 140 -14.27 23.50 12.31
N TYR B 141 -14.05 23.32 11.01
CA TYR B 141 -12.73 23.49 10.42
C TYR B 141 -12.00 24.73 10.95
N VAL B 142 -12.56 25.92 10.70
CA VAL B 142 -11.84 27.14 11.06
C VAL B 142 -11.70 27.26 12.57
N ASN B 143 -12.75 26.90 13.32
CA ASN B 143 -12.66 26.88 14.77
C ASN B 143 -11.46 26.07 15.23
N GLU B 144 -11.24 24.93 14.59
CA GLU B 144 -10.17 24.06 15.02
C GLU B 144 -8.83 24.64 14.62
N MET B 145 -8.74 25.24 13.43
CA MET B 145 -7.48 25.81 12.99
C MET B 145 -7.07 26.94 13.91
N LYS B 146 -8.04 27.74 14.36
CA LYS B 146 -7.76 28.89 15.23
C LYS B 146 -7.26 28.41 16.59
N GLU B 147 -7.91 27.41 17.18
CA GLU B 147 -7.46 26.83 18.44
C GLU B 147 -6.06 26.23 18.29
N ASP B 148 -5.88 25.36 17.30
CA ASP B 148 -4.55 24.86 17.00
C ASP B 148 -3.56 26.00 16.77
N GLN B 149 -4.02 27.11 16.16
CA GLN B 149 -3.15 28.26 15.98
C GLN B 149 -2.61 28.75 17.31
N GLY B 150 -3.52 29.01 18.27
CA GLY B 150 -3.11 29.51 19.57
C GLY B 150 -2.07 28.65 20.24
N LEU B 151 -2.31 27.34 20.32
CA LEU B 151 -1.32 26.43 20.86
C LEU B 151 0.05 26.66 20.22
N ILE B 152 0.11 26.64 18.90
CA ILE B 152 1.40 26.74 18.22
C ILE B 152 2.04 28.08 18.51
N ALA B 153 1.23 29.13 18.63
CA ALA B 153 1.76 30.46 18.91
C ALA B 153 2.40 30.53 20.28
N ASN B 154 1.69 30.03 21.31
CA ASN B 154 2.18 29.99 22.68
C ASN B 154 3.53 29.33 22.81
N ILE B 155 4.00 28.65 21.77
CA ILE B 155 5.25 27.92 21.77
C ILE B 155 6.32 28.63 20.95
N ILE B 156 5.96 29.17 19.79
CA ILE B 156 6.93 29.77 18.89
C ILE B 156 6.69 31.25 18.64
N GLY B 157 5.65 31.84 19.22
CA GLY B 157 5.45 33.27 19.06
C GLY B 157 5.00 33.72 17.69
N LYS B 158 4.65 32.79 16.81
CA LYS B 158 4.08 33.13 15.52
C LYS B 158 2.62 32.69 15.52
N SER B 159 1.78 33.43 14.80
CA SER B 159 0.44 32.93 14.50
C SER B 159 0.45 32.52 13.05
N PRO B 160 0.77 31.26 12.76
CA PRO B 160 0.91 30.86 11.37
C PRO B 160 -0.44 30.96 10.70
N LYS B 161 -0.44 31.03 9.37
CA LYS B 161 -1.69 31.24 8.67
C LYS B 161 -2.08 30.11 7.74
N LEU B 162 -1.15 29.22 7.39
CA LEU B 162 -1.45 28.12 6.49
C LEU B 162 -2.08 26.94 7.21
N THR B 163 -3.10 26.36 6.59
CA THR B 163 -3.79 25.20 7.09
C THR B 163 -3.63 24.09 6.08
N ARG B 164 -3.66 22.85 6.57
CA ARG B 164 -3.70 21.67 5.72
C ARG B 164 -4.91 20.85 6.15
N PRO B 165 -5.89 20.64 5.28
CA PRO B 165 -7.13 19.97 5.70
C PRO B 165 -6.89 18.48 5.91
N PRO B 166 -7.43 17.91 6.98
CA PRO B 166 -7.39 16.45 7.13
C PRO B 166 -8.21 15.82 6.02
N TYR B 167 -7.60 14.81 5.38
CA TYR B 167 -8.20 14.07 4.29
C TYR B 167 -8.32 14.90 3.01
N GLY B 168 -7.70 16.08 2.98
CA GLY B 168 -7.78 16.99 1.86
C GLY B 168 -8.97 17.94 1.94
N SER B 169 -8.83 19.09 1.27
CA SER B 169 -9.95 20.01 1.13
C SER B 169 -11.10 19.44 0.30
N MET B 170 -10.81 18.50 -0.61
CA MET B 170 -11.84 17.90 -1.44
C MET B 170 -12.28 16.57 -0.84
N PRO B 171 -13.56 16.39 -0.49
CA PRO B 171 -14.64 17.36 -0.72
C PRO B 171 -15.10 18.11 0.53
N GLY B 172 -14.35 18.02 1.63
CA GLY B 172 -14.84 18.53 2.91
C GLY B 172 -15.04 20.05 2.93
N LEU B 173 -14.05 20.80 2.44
CA LEU B 173 -14.14 22.26 2.46
C LEU B 173 -15.09 22.74 1.36
N ASN B 174 -16.36 22.86 1.70
CA ASN B 174 -17.33 23.36 0.76
C ASN B 174 -17.32 24.89 0.75
N GLU B 175 -18.01 25.46 -0.25
CA GLU B 175 -17.98 26.91 -0.48
C GLU B 175 -18.29 27.71 0.79
N GLY B 176 -19.21 27.23 1.62
CA GLY B 176 -19.46 27.84 2.90
C GLY B 176 -18.20 27.94 3.73
N LEU B 177 -17.56 26.79 3.99
CA LEU B 177 -16.38 26.80 4.84
C LEU B 177 -15.24 27.57 4.20
N ARG B 178 -15.03 27.38 2.89
CA ARG B 178 -13.98 28.14 2.22
C ARG B 178 -14.21 29.65 2.35
N ASN B 179 -15.46 30.09 2.49
CA ASN B 179 -15.70 31.50 2.75
C ASN B 179 -15.16 31.89 4.11
N LYS B 180 -15.49 31.10 5.14
CA LYS B 180 -15.01 31.43 6.47
C LYS B 180 -13.48 31.38 6.54
N VAL B 181 -12.85 30.40 5.88
CA VAL B 181 -11.39 30.36 5.78
C VAL B 181 -10.88 31.69 5.25
N VAL B 182 -11.46 32.16 4.15
CA VAL B 182 -10.93 33.36 3.51
C VAL B 182 -11.19 34.58 4.37
N GLU B 183 -12.29 34.59 5.12
CA GLU B 183 -12.61 35.74 5.96
C GLU B 183 -11.84 35.73 7.26
N GLY B 184 -11.42 34.56 7.72
CA GLY B 184 -10.65 34.43 8.94
C GLY B 184 -9.15 34.57 8.76
N GLY B 185 -8.69 35.06 7.62
CA GLY B 185 -7.29 35.31 7.41
C GLY B 185 -6.47 34.10 6.98
N PHE B 186 -7.06 32.91 6.99
CA PHE B 186 -6.31 31.68 6.80
C PHE B 186 -6.04 31.39 5.32
N LYS B 187 -4.99 30.59 5.11
CA LYS B 187 -4.68 29.95 3.84
C LYS B 187 -4.90 28.43 3.98
N VAL B 188 -5.11 27.76 2.85
CA VAL B 188 -5.32 26.31 2.81
C VAL B 188 -4.42 25.72 1.74
N TRP B 189 -3.65 24.70 2.10
CA TRP B 189 -2.81 23.96 1.16
C TRP B 189 -3.21 22.50 1.11
N ASP B 190 -3.46 21.99 -0.10
CA ASP B 190 -3.48 20.56 -0.34
C ASP B 190 -2.08 20.15 -0.79
N TRP B 191 -1.99 19.43 -1.92
CA TRP B 191 -0.71 18.86 -2.35
C TRP B 191 -0.83 18.37 -3.78
N THR B 192 0.33 18.22 -4.44
CA THR B 192 0.39 17.76 -5.81
C THR B 192 1.08 16.41 -5.99
N ILE B 193 1.67 15.85 -4.93
CA ILE B 193 2.12 14.46 -4.88
C ILE B 193 1.62 13.90 -3.57
N ASP B 194 1.15 12.66 -3.60
CA ASP B 194 0.70 11.95 -2.41
C ASP B 194 1.59 10.71 -2.30
N SER B 195 2.66 10.84 -1.52
CA SER B 195 3.58 9.73 -1.26
C SER B 195 2.83 8.46 -0.87
N LEU B 196 1.65 8.61 -0.26
CA LEU B 196 0.86 7.48 0.28
C LEU B 196 1.63 6.69 1.34
N ASP B 197 2.62 7.34 1.96
CA ASP B 197 3.51 6.63 2.89
C ASP B 197 2.73 5.86 3.95
N TRP B 198 1.64 6.42 4.48
CA TRP B 198 0.98 5.80 5.61
C TRP B 198 0.32 4.47 5.29
N ARG B 199 0.29 4.06 4.03
CA ARG B 199 -0.29 2.78 3.68
C ARG B 199 0.73 1.64 3.74
N TYR B 200 2.02 1.94 3.71
CA TYR B 200 3.08 0.93 3.78
C TYR B 200 3.43 0.60 5.25
N ASN B 201 2.41 0.14 5.96
CA ASN B 201 2.48 -0.23 7.36
C ASN B 201 2.59 -1.73 7.56
N LYS B 202 2.65 -2.53 6.49
CA LYS B 202 2.52 -3.97 6.65
C LYS B 202 3.66 -4.71 5.95
N MET B 203 4.85 -4.13 5.96
CA MET B 203 5.96 -4.64 5.17
C MET B 203 7.23 -4.38 5.96
N PRO B 204 8.36 -4.92 5.52
CA PRO B 204 9.64 -4.42 6.05
C PRO B 204 9.72 -2.91 5.89
N VAL B 205 10.30 -2.25 6.90
CA VAL B 205 10.30 -0.80 6.92
C VAL B 205 11.23 -0.24 5.84
N ASP B 206 12.40 -0.83 5.64
CA ASP B 206 13.31 -0.35 4.60
C ASP B 206 12.67 -0.45 3.22
N ALA B 207 11.97 -1.54 2.95
CA ALA B 207 11.31 -1.72 1.66
C ALA B 207 10.10 -0.80 1.51
N ALA B 208 9.43 -0.45 2.61
CA ALA B 208 8.37 0.55 2.54
C ALA B 208 8.93 1.92 2.20
N ALA B 209 10.08 2.26 2.79
CA ALA B 209 10.74 3.51 2.42
C ALA B 209 11.03 3.58 0.93
N ALA B 210 11.57 2.49 0.36
CA ALA B 210 11.99 2.50 -1.04
C ALA B 210 10.81 2.64 -1.99
N GLN B 211 9.70 1.97 -1.69
CA GLN B 211 8.53 2.10 -2.56
C GLN B 211 7.90 3.47 -2.40
N ILE B 212 8.00 4.07 -1.21
CA ILE B 212 7.59 5.46 -1.01
C ILE B 212 8.55 6.41 -1.70
N ALA B 213 9.83 6.06 -1.76
CA ALA B 213 10.78 6.94 -2.43
C ALA B 213 10.57 6.88 -3.93
N GLN B 214 10.32 5.68 -4.46
CA GLN B 214 10.00 5.53 -5.87
C GLN B 214 8.76 6.35 -6.21
N ASN B 215 7.74 6.29 -5.36
CA ASN B 215 6.53 7.06 -5.62
C ASN B 215 6.82 8.54 -5.72
N VAL B 216 7.51 9.11 -4.74
CA VAL B 216 7.70 10.55 -4.75
C VAL B 216 8.67 10.94 -5.85
N LEU B 217 9.73 10.16 -6.05
CA LEU B 217 10.72 10.50 -7.06
C LEU B 217 10.10 10.56 -8.45
N THR B 218 9.29 9.57 -8.80
CA THR B 218 8.82 9.44 -10.18
C THR B 218 7.68 10.39 -10.56
N ASN B 219 7.13 11.16 -9.61
CA ASN B 219 6.08 12.13 -9.90
C ASN B 219 6.54 13.58 -9.85
N ALA B 220 7.77 13.85 -9.42
CA ALA B 220 8.28 15.21 -9.34
C ALA B 220 8.66 15.65 -10.74
N THR B 221 7.76 16.36 -11.40
CA THR B 221 7.96 16.86 -12.76
C THR B 221 7.61 18.33 -12.92
N LYS B 222 6.75 18.86 -12.09
CA LYS B 222 6.37 20.25 -12.22
C LYS B 222 7.37 21.17 -11.54
N PRO B 223 7.46 22.42 -11.99
CA PRO B 223 8.42 23.38 -11.36
C PRO B 223 8.33 23.44 -9.85
N GLN B 224 7.12 23.53 -9.30
CA GLN B 224 6.86 23.38 -7.87
C GLN B 224 6.10 22.08 -7.64
N GLU B 225 6.36 21.42 -6.51
CA GLU B 225 5.72 20.17 -6.14
C GLU B 225 5.53 20.14 -4.64
N VAL B 226 4.32 19.84 -4.19
CA VAL B 226 3.99 19.83 -2.77
C VAL B 226 3.79 18.38 -2.34
N ILE B 227 4.75 17.86 -1.57
CA ILE B 227 4.88 16.44 -1.31
C ILE B 227 4.23 16.10 0.03
N LEU B 228 3.30 15.17 0.00
CA LEU B 228 2.53 14.84 1.19
C LEU B 228 3.14 13.61 1.84
N MET B 229 3.60 13.78 3.07
CA MET B 229 4.00 12.65 3.92
C MET B 229 3.54 12.93 5.33
N HIS B 230 3.77 11.95 6.20
CA HIS B 230 3.42 12.03 7.62
C HIS B 230 4.65 11.64 8.41
N ASP B 231 5.11 12.52 9.28
CA ASP B 231 6.29 12.19 10.08
C ASP B 231 5.94 11.28 11.26
N ILE B 232 4.77 10.65 11.24
CA ILE B 232 4.35 9.87 12.38
C ILE B 232 4.45 8.37 12.11
N HIS B 233 5.17 7.98 11.05
CA HIS B 233 5.33 6.60 10.64
C HIS B 233 6.81 6.36 10.36
N PRO B 234 7.40 5.30 10.93
CA PRO B 234 8.79 4.98 10.64
C PRO B 234 9.12 4.87 9.18
N GLN B 235 8.25 4.20 8.40
CA GLN B 235 8.55 4.00 6.98
C GLN B 235 8.68 5.34 6.25
N SER B 236 7.97 6.37 6.71
CA SER B 236 7.97 7.67 6.05
C SER B 236 9.31 8.38 6.24
N VAL B 237 9.69 8.63 7.49
CA VAL B 237 10.97 9.28 7.75
C VAL B 237 12.13 8.50 7.12
N ALA B 238 12.07 7.16 7.16
CA ALA B 238 13.12 6.30 6.60
C ALA B 238 13.34 6.53 5.11
N ALA B 239 12.32 7.05 4.43
CA ALA B 239 12.33 7.32 2.99
C ALA B 239 12.87 8.69 2.62
N VAL B 240 12.86 9.66 3.55
CA VAL B 240 13.29 11.01 3.19
C VAL B 240 14.78 11.10 2.85
N PRO B 241 15.66 10.18 3.29
CA PRO B 241 17.02 10.21 2.72
C PRO B 241 17.01 10.03 1.21
N ALA B 242 16.48 8.90 0.74
CA ALA B 242 16.40 8.64 -0.69
C ALA B 242 15.68 9.75 -1.43
N ILE B 243 14.62 10.29 -0.82
CA ILE B 243 13.83 11.35 -1.46
C ILE B 243 14.69 12.60 -1.67
N LEU B 244 15.40 13.04 -0.62
CA LEU B 244 16.22 14.23 -0.73
C LEU B 244 17.33 14.04 -1.77
N LYS B 245 17.91 12.85 -1.82
CA LYS B 245 18.98 12.63 -2.78
C LYS B 245 18.45 12.63 -4.20
N GLY B 246 17.30 11.97 -4.42
CA GLY B 246 16.79 11.84 -5.76
C GLY B 246 16.28 13.14 -6.35
N LEU B 247 15.51 13.89 -5.55
CA LEU B 247 14.98 15.16 -6.05
C LEU B 247 16.12 16.14 -6.34
N LYS B 248 17.15 16.13 -5.49
CA LYS B 248 18.32 16.98 -5.73
C LYS B 248 18.96 16.67 -7.08
N GLU B 249 19.19 15.39 -7.36
CA GLU B 249 19.68 15.01 -8.69
C GLU B 249 18.72 15.47 -9.78
N LYS B 250 17.40 15.39 -9.53
CA LYS B 250 16.42 15.88 -10.50
C LYS B 250 16.32 17.39 -10.53
N GLY B 251 17.10 18.09 -9.69
CA GLY B 251 17.25 19.53 -9.77
C GLY B 251 16.39 20.37 -8.85
N TYR B 252 15.94 19.82 -7.73
CA TYR B 252 15.05 20.53 -6.82
C TYR B 252 15.82 21.11 -5.65
N GLU B 253 15.42 22.31 -5.22
CA GLU B 253 15.78 22.83 -3.91
C GLU B 253 14.67 22.47 -2.92
N PHE B 254 15.02 22.43 -1.64
CA PHE B 254 14.09 21.99 -0.59
C PHE B 254 13.80 23.16 0.34
N GLU B 255 12.69 23.83 0.10
CA GLU B 255 12.35 25.01 0.87
C GLU B 255 11.05 24.78 1.65
N ALA B 256 10.87 25.56 2.72
CA ALA B 256 9.68 25.56 3.55
C ALA B 256 8.68 26.53 2.96
N TYR B 257 7.45 26.49 3.45
CA TYR B 257 6.45 27.43 2.97
C TYR B 257 6.73 28.78 3.61
N HIS B 258 6.91 29.83 2.81
CA HIS B 258 7.01 31.18 3.32
C HIS B 258 5.68 31.87 3.06
N GLU B 259 5.13 32.47 4.12
CA GLU B 259 3.87 33.19 3.99
C GLU B 259 4.01 34.39 3.06
N GLU B 260 5.22 34.93 2.97
CA GLU B 260 5.40 36.13 2.17
C GLU B 260 5.20 35.84 0.69
N SER B 261 5.46 34.60 0.27
CA SER B 261 5.49 34.21 -1.14
C SER B 261 4.37 33.24 -1.50
N HIS B 262 3.19 33.41 -0.90
CA HIS B 262 2.11 32.44 -1.01
C HIS B 262 1.55 32.35 -2.44
N PHE B 263 1.24 31.12 -2.85
CA PHE B 263 0.53 30.78 -4.07
C PHE B 263 -0.43 29.62 -3.80
N PRO B 264 -1.59 29.60 -4.44
CA PRO B 264 -2.62 28.64 -4.02
C PRO B 264 -2.30 27.23 -4.48
N VAL B 265 -2.60 26.26 -3.60
CA VAL B 265 -2.50 24.83 -3.94
C VAL B 265 -3.66 24.09 -3.30
N ASN B 266 -4.83 24.11 -3.93
CA ASN B 266 -5.94 23.35 -3.38
C ASN B 266 -6.68 22.63 -4.51
N PHE B 267 -7.51 21.67 -4.12
CA PHE B 267 -8.28 20.91 -5.09
C PHE B 267 -9.49 21.69 -5.62
N TRP B 268 -9.99 22.68 -4.88
CA TRP B 268 -11.11 23.48 -5.35
C TRP B 268 -10.68 24.53 -6.37
N HIS B 269 -9.37 24.64 -6.64
CA HIS B 269 -8.85 25.64 -7.58
C HIS B 269 -9.23 27.06 -7.14
N ASP B 270 -9.34 27.27 -5.82
CA ASP B 270 -9.78 28.52 -5.22
C ASP B 270 -8.56 29.36 -4.85
N ASN B 271 -8.28 30.40 -5.64
CA ASN B 271 -7.10 31.24 -5.47
C ASN B 271 -7.32 32.36 -4.46
N ARG B 272 -8.47 32.34 -3.76
CA ARG B 272 -8.61 33.15 -2.56
C ARG B 272 -7.79 32.59 -1.40
N MET B 273 -7.49 31.29 -1.40
CA MET B 273 -6.81 30.67 -0.26
C MET B 273 -5.47 30.05 -0.68
N ARG C 68 6.28 15.23 -36.44
CA ARG C 68 4.86 14.98 -36.14
C ARG C 68 4.54 15.19 -34.66
N LYS C 69 5.06 16.27 -34.07
CA LYS C 69 4.56 16.73 -32.79
C LYS C 69 3.09 17.09 -32.93
N VAL C 70 2.25 16.56 -32.05
CA VAL C 70 0.82 16.84 -32.06
C VAL C 70 0.44 17.42 -30.70
N ALA C 71 -0.20 18.58 -30.71
CA ALA C 71 -0.60 19.26 -29.47
C ALA C 71 -2.12 19.35 -29.40
N TYR C 72 -2.71 18.80 -28.36
CA TYR C 72 -4.15 18.69 -28.24
C TYR C 72 -4.65 19.68 -27.21
N LEU C 73 -5.24 20.79 -27.68
CA LEU C 73 -5.78 21.78 -26.76
C LEU C 73 -7.12 21.31 -26.23
N THR C 74 -7.27 21.44 -24.91
CA THR C 74 -8.40 20.95 -24.15
C THR C 74 -9.03 22.09 -23.38
N PHE C 75 -10.36 22.19 -23.41
CA PHE C 75 -11.04 23.26 -22.70
C PHE C 75 -12.19 22.70 -21.89
N ASP C 76 -12.14 22.89 -20.58
CA ASP C 76 -13.05 22.28 -19.63
C ASP C 76 -14.13 23.26 -19.16
N ASP C 77 -15.26 22.69 -18.71
CA ASP C 77 -16.31 23.37 -17.96
C ASP C 77 -17.09 24.41 -18.79
N GLY C 78 -16.98 24.39 -20.11
CA GLY C 78 -17.82 25.22 -20.96
C GLY C 78 -19.03 24.51 -21.56
N PRO C 79 -19.67 25.13 -22.56
CA PRO C 79 -19.35 26.43 -23.15
C PRO C 79 -19.75 27.58 -22.22
N GLY C 80 -19.15 28.76 -22.39
CA GLY C 80 -19.39 29.90 -21.54
C GLY C 80 -19.26 31.20 -22.32
N LYS C 81 -19.27 32.36 -21.62
CA LYS C 81 -19.42 33.65 -22.30
C LYS C 81 -18.20 34.05 -23.14
N TYR C 82 -17.02 33.47 -22.89
CA TYR C 82 -15.83 33.77 -23.67
C TYR C 82 -15.55 32.70 -24.70
N THR C 83 -16.44 31.72 -24.84
CA THR C 83 -16.22 30.61 -25.75
C THR C 83 -16.24 31.05 -27.21
N ALA C 84 -17.22 31.88 -27.59
CA ALA C 84 -17.30 32.33 -28.98
C ALA C 84 -16.06 33.09 -29.39
N GLU C 85 -15.46 33.85 -28.45
CA GLU C 85 -14.20 34.54 -28.75
C GLU C 85 -13.09 33.55 -29.03
N LEU C 86 -13.04 32.47 -28.24
CA LEU C 86 -12.05 31.43 -28.46
C LEU C 86 -12.25 30.77 -29.83
N LEU C 87 -13.48 30.40 -30.15
CA LEU C 87 -13.76 29.76 -31.43
C LEU C 87 -13.30 30.61 -32.61
N ASN C 88 -13.38 31.95 -32.50
CA ASN C 88 -12.88 32.82 -33.55
C ASN C 88 -11.36 32.73 -33.66
N THR C 89 -10.68 32.80 -32.51
CA THR C 89 -9.21 32.79 -32.49
C THR C 89 -8.63 31.49 -33.05
N LEU C 90 -9.29 30.37 -32.75
CA LEU C 90 -8.85 29.08 -33.28
C LEU C 90 -8.98 29.04 -34.80
N LYS C 91 -10.15 29.43 -35.33
CA LYS C 91 -10.35 29.39 -36.77
C LYS C 91 -9.38 30.31 -37.48
N GLN C 92 -9.01 31.43 -36.85
CA GLN C 92 -8.08 32.37 -37.48
C GLN C 92 -6.70 31.75 -37.65
N HIS C 93 -6.34 30.82 -36.77
CA HIS C 93 -5.08 30.09 -36.88
C HIS C 93 -5.29 28.68 -37.43
N ASP C 94 -6.44 28.43 -38.05
CA ASP C 94 -6.89 27.10 -38.46
C ASP C 94 -6.49 26.04 -37.44
N ALA C 95 -6.85 26.28 -36.18
CA ALA C 95 -6.48 25.39 -35.09
C ALA C 95 -7.70 24.58 -34.66
N LYS C 96 -7.48 23.31 -34.34
CA LYS C 96 -8.51 22.42 -33.86
C LYS C 96 -8.24 22.09 -32.39
N ALA C 97 -9.32 21.94 -31.62
CA ALA C 97 -9.22 21.75 -30.18
C ALA C 97 -10.26 20.74 -29.72
N THR C 98 -10.32 20.52 -28.41
CA THR C 98 -11.27 19.61 -27.80
C THR C 98 -11.98 20.32 -26.67
N PHE C 99 -13.31 20.17 -26.62
CA PHE C 99 -14.13 20.83 -25.61
C PHE C 99 -14.87 19.77 -24.80
N PHE C 100 -14.69 19.82 -23.47
CA PHE C 100 -15.39 18.93 -22.54
C PHE C 100 -16.43 19.76 -21.80
N LEU C 101 -17.70 19.46 -22.03
CA LEU C 101 -18.75 20.38 -21.63
C LEU C 101 -19.57 19.83 -20.47
N ILE C 102 -20.02 20.74 -19.62
CA ILE C 102 -20.92 20.42 -18.52
C ILE C 102 -22.35 20.51 -19.04
N GLY C 103 -23.23 19.68 -18.47
CA GLY C 103 -24.57 19.52 -19.04
C GLY C 103 -25.42 20.78 -18.99
N ALA C 104 -25.33 21.56 -17.91
CA ALA C 104 -26.14 22.77 -17.82
C ALA C 104 -25.62 23.86 -18.74
N ASN C 105 -24.31 23.87 -19.01
CA ASN C 105 -23.80 24.75 -20.06
C ASN C 105 -24.24 24.32 -21.45
N VAL C 106 -24.53 23.03 -21.63
CA VAL C 106 -25.08 22.54 -22.89
C VAL C 106 -26.56 22.89 -22.99
N LYS C 107 -27.27 22.83 -21.87
CA LYS C 107 -28.67 23.23 -21.88
C LYS C 107 -28.83 24.73 -22.13
N GLU C 108 -27.86 25.54 -21.77
CA GLU C 108 -28.02 26.98 -21.91
C GLU C 108 -27.30 27.56 -23.12
N PHE C 109 -26.29 26.86 -23.65
CA PHE C 109 -25.56 27.30 -24.83
C PHE C 109 -25.59 26.25 -25.95
N PRO C 110 -26.77 25.84 -26.42
CA PRO C 110 -26.79 24.87 -27.53
C PRO C 110 -26.09 25.36 -28.78
N ASP C 111 -26.18 26.66 -29.10
CA ASP C 111 -25.54 27.18 -30.31
C ASP C 111 -24.04 26.98 -30.29
N LEU C 112 -23.39 27.29 -29.15
CA LEU C 112 -21.95 27.17 -29.07
C LEU C 112 -21.52 25.73 -29.23
N VAL C 113 -22.33 24.81 -28.71
CA VAL C 113 -22.04 23.38 -28.84
C VAL C 113 -22.08 22.98 -30.31
N LYS C 114 -23.19 23.32 -30.99
CA LYS C 114 -23.34 23.03 -32.42
C LYS C 114 -22.21 23.64 -33.22
N ARG C 115 -21.76 24.82 -32.80
CA ARG C 115 -20.71 25.54 -33.51
C ARG C 115 -19.36 24.87 -33.34
N GLU C 116 -19.04 24.49 -32.09
CA GLU C 116 -17.78 23.81 -31.78
C GLU C 116 -17.57 22.60 -32.67
N ASN C 117 -18.57 21.70 -32.72
CA ASN C 117 -18.47 20.57 -33.63
C ASN C 117 -18.34 21.03 -35.08
N ALA C 118 -19.11 22.05 -35.46
CA ALA C 118 -19.16 22.48 -36.85
C ALA C 118 -17.81 22.98 -37.36
N GLU C 119 -16.99 23.61 -36.52
CA GLU C 119 -15.73 24.19 -36.96
C GLU C 119 -14.52 23.27 -36.69
N GLY C 120 -14.73 21.96 -36.60
CA GLY C 120 -13.63 21.02 -36.55
C GLY C 120 -13.15 20.62 -35.18
N HIS C 121 -13.96 20.78 -34.15
CA HIS C 121 -13.55 20.45 -32.80
C HIS C 121 -14.26 19.20 -32.33
N TYR C 122 -13.53 18.36 -31.62
CA TYR C 122 -14.17 17.27 -30.90
C TYR C 122 -14.94 17.85 -29.73
N VAL C 123 -16.11 17.28 -29.45
CA VAL C 123 -16.99 17.71 -28.36
C VAL C 123 -17.23 16.48 -27.51
N GLY C 124 -16.59 16.44 -26.34
CA GLY C 124 -16.76 15.40 -25.36
C GLY C 124 -17.35 15.92 -24.07
N MET C 125 -17.33 15.07 -23.05
CA MET C 125 -18.13 15.37 -21.89
C MET C 125 -17.27 15.58 -20.63
N HIS C 126 -17.85 16.36 -19.70
CA HIS C 126 -17.28 16.71 -18.42
C HIS C 126 -18.31 16.50 -17.31
N SER C 127 -19.35 15.71 -17.58
CA SER C 127 -20.39 15.33 -16.63
C SER C 127 -21.44 16.41 -16.38
N MET C 128 -22.35 16.11 -15.46
CA MET C 128 -23.58 16.86 -15.19
C MET C 128 -23.40 17.86 -14.06
N THR C 129 -22.94 17.40 -12.89
CA THR C 129 -22.90 18.21 -11.68
C THR C 129 -21.52 18.78 -11.35
N HIS C 130 -20.42 18.25 -11.93
CA HIS C 130 -19.03 18.59 -11.52
C HIS C 130 -18.89 18.53 -9.99
N ASN C 131 -19.57 17.57 -9.37
CA ASN C 131 -19.63 17.42 -7.92
C ASN C 131 -18.87 16.15 -7.53
N PHE C 132 -17.78 16.33 -6.77
CA PHE C 132 -16.81 15.26 -6.52
C PHE C 132 -17.41 14.13 -5.71
N ALA C 133 -18.21 14.48 -4.69
CA ALA C 133 -18.92 13.47 -3.90
C ALA C 133 -19.80 12.57 -4.79
N LYS C 134 -20.70 13.18 -5.56
CA LYS C 134 -21.69 12.43 -6.33
C LYS C 134 -21.03 11.55 -7.39
N LEU C 135 -20.17 12.14 -8.20
CA LEU C 135 -19.49 11.39 -9.24
C LEU C 135 -18.78 10.17 -8.68
N TYR C 136 -17.86 10.40 -7.73
CA TYR C 136 -16.88 9.39 -7.35
C TYR C 136 -17.24 8.65 -6.08
N LYS C 137 -17.64 9.34 -5.02
CA LYS C 137 -17.92 8.64 -3.80
C LYS C 137 -19.28 7.99 -3.84
N ASN C 138 -20.21 8.55 -4.59
CA ASN C 138 -21.51 7.90 -4.76
C ASN C 138 -21.66 7.18 -6.09
N GLY C 139 -20.64 7.22 -6.95
CA GLY C 139 -20.53 6.30 -8.06
C GLY C 139 -21.42 6.62 -9.23
N GLU C 140 -21.73 7.89 -9.46
CA GLU C 140 -22.62 8.28 -10.54
C GLU C 140 -21.90 8.73 -11.79
N TYR C 141 -20.56 8.81 -11.76
CA TYR C 141 -19.78 9.28 -12.90
C TYR C 141 -20.35 8.84 -14.24
N VAL C 142 -20.39 7.53 -14.45
CA VAL C 142 -20.80 7.02 -15.73
C VAL C 142 -22.25 7.42 -16.01
N ASN C 143 -23.08 7.37 -14.98
CA ASN C 143 -24.47 7.82 -15.15
C ASN C 143 -24.51 9.28 -15.56
N GLU C 144 -23.61 10.09 -15.01
CA GLU C 144 -23.60 11.51 -15.36
C GLU C 144 -22.98 11.74 -16.74
N MET C 145 -21.93 11.00 -17.09
CA MET C 145 -21.44 11.13 -18.46
C MET C 145 -22.43 10.62 -19.49
N LYS C 146 -23.33 9.70 -19.11
CA LYS C 146 -24.27 9.18 -20.10
C LYS C 146 -25.31 10.25 -20.45
N GLU C 147 -25.95 10.84 -19.44
CA GLU C 147 -26.89 11.92 -19.66
C GLU C 147 -26.22 13.14 -20.30
N ASP C 148 -24.91 13.33 -20.07
CA ASP C 148 -24.21 14.40 -20.77
C ASP C 148 -24.08 14.07 -22.25
N GLN C 149 -23.93 12.78 -22.54
CA GLN C 149 -23.75 12.36 -23.92
C GLN C 149 -25.04 12.50 -24.71
N GLY C 150 -26.18 12.20 -24.08
CA GLY C 150 -27.44 12.38 -24.77
C GLY C 150 -27.70 13.83 -25.11
N LEU C 151 -27.54 14.72 -24.13
CA LEU C 151 -27.68 16.14 -24.38
C LEU C 151 -26.81 16.60 -25.54
N ILE C 152 -25.59 16.08 -25.62
CA ILE C 152 -24.74 16.42 -26.77
C ILE C 152 -25.22 15.68 -28.03
N ALA C 153 -25.67 14.45 -27.88
CA ALA C 153 -26.17 13.73 -29.04
C ALA C 153 -27.40 14.41 -29.65
N ASN C 154 -28.14 15.20 -28.87
CA ASN C 154 -29.35 15.84 -29.34
C ASN C 154 -29.09 17.09 -30.14
N ILE C 155 -27.82 17.48 -30.30
CA ILE C 155 -27.44 18.71 -30.97
C ILE C 155 -26.52 18.44 -32.15
N ILE C 156 -25.55 17.54 -31.99
CA ILE C 156 -24.59 17.23 -33.03
C ILE C 156 -24.87 15.91 -33.72
N GLY C 157 -25.83 15.12 -33.22
CA GLY C 157 -26.22 13.88 -33.86
C GLY C 157 -25.20 12.78 -33.81
N LYS C 158 -24.13 12.96 -33.05
CA LYS C 158 -23.17 11.93 -32.69
C LYS C 158 -23.39 11.57 -31.24
N SER C 159 -22.91 10.41 -30.81
CA SER C 159 -22.81 10.12 -29.38
C SER C 159 -21.34 9.95 -28.99
N PRO C 160 -20.70 10.99 -28.46
CA PRO C 160 -19.25 10.94 -28.24
C PRO C 160 -18.90 10.02 -27.08
N LYS C 161 -17.68 9.51 -27.15
CA LYS C 161 -17.17 8.53 -26.21
C LYS C 161 -16.24 9.13 -25.16
N LEU C 162 -15.44 10.13 -25.53
CA LEU C 162 -14.39 10.65 -24.69
C LEU C 162 -14.96 11.47 -23.54
N THR C 163 -14.58 11.09 -22.32
CA THR C 163 -14.92 11.77 -21.09
C THR C 163 -13.66 12.40 -20.52
N ARG C 164 -13.87 13.48 -19.78
CA ARG C 164 -12.80 14.16 -19.05
C ARG C 164 -13.29 14.27 -17.61
N PRO C 165 -12.66 13.60 -16.64
CA PRO C 165 -13.19 13.60 -15.29
C PRO C 165 -12.94 14.93 -14.60
N PRO C 166 -13.96 15.50 -13.96
CA PRO C 166 -13.73 16.67 -13.11
C PRO C 166 -12.73 16.34 -12.01
N TYR C 167 -11.80 17.27 -11.78
CA TYR C 167 -10.73 17.07 -10.83
C TYR C 167 -9.81 15.90 -11.20
N GLY C 168 -9.83 15.48 -12.46
CA GLY C 168 -8.94 14.39 -12.88
C GLY C 168 -9.31 12.97 -12.46
N SER C 169 -8.75 11.98 -13.19
CA SER C 169 -8.97 10.55 -12.95
C SER C 169 -8.57 10.13 -11.54
N MET C 170 -7.44 10.65 -11.06
CA MET C 170 -6.88 10.22 -9.81
C MET C 170 -7.34 11.13 -8.69
N PRO C 171 -7.75 10.57 -7.53
CA PRO C 171 -7.87 9.12 -7.37
C PRO C 171 -9.31 8.61 -7.44
N GLY C 172 -10.26 9.52 -7.67
CA GLY C 172 -11.68 9.20 -7.54
C GLY C 172 -12.22 8.20 -8.54
N LEU C 173 -11.49 7.92 -9.61
CA LEU C 173 -11.95 6.96 -10.59
C LEU C 173 -11.34 5.64 -10.20
N ASN C 174 -12.03 4.96 -9.29
CA ASN C 174 -11.49 3.75 -8.68
C ASN C 174 -11.70 2.58 -9.62
N GLU C 175 -11.11 1.44 -9.26
CA GLU C 175 -11.09 0.27 -10.13
C GLU C 175 -12.50 -0.13 -10.58
N GLY C 176 -13.51 0.08 -9.72
CA GLY C 176 -14.86 -0.28 -10.13
C GLY C 176 -15.44 0.67 -11.18
N LEU C 177 -15.33 1.96 -10.95
CA LEU C 177 -15.83 2.92 -11.93
C LEU C 177 -15.15 2.70 -13.26
N ARG C 178 -13.83 2.47 -13.25
CA ARG C 178 -13.18 2.22 -14.53
C ARG C 178 -13.66 0.95 -15.22
N ASN C 179 -14.24 -0.01 -14.50
CA ASN C 179 -14.94 -1.11 -15.18
C ASN C 179 -16.17 -0.58 -15.91
N LYS C 180 -17.01 0.18 -15.19
CA LYS C 180 -18.24 0.74 -15.78
C LYS C 180 -17.96 1.66 -16.97
N VAL C 181 -16.90 2.48 -16.90
CA VAL C 181 -16.51 3.34 -18.03
C VAL C 181 -16.15 2.48 -19.23
N VAL C 182 -15.35 1.45 -19.01
CA VAL C 182 -15.02 0.53 -20.09
C VAL C 182 -16.29 -0.18 -20.58
N GLU C 183 -17.16 -0.56 -19.64
CA GLU C 183 -18.38 -1.27 -20.00
C GLU C 183 -19.36 -0.36 -20.77
N GLY C 184 -19.45 0.91 -20.39
CA GLY C 184 -20.44 1.78 -21.03
C GLY C 184 -20.02 2.36 -22.35
N GLY C 185 -18.82 2.05 -22.86
CA GLY C 185 -18.36 2.56 -24.14
C GLY C 185 -17.34 3.67 -24.06
N PHE C 186 -17.15 4.28 -22.89
CA PHE C 186 -16.41 5.51 -22.76
C PHE C 186 -14.91 5.28 -22.69
N LYS C 187 -14.17 6.25 -23.22
CA LYS C 187 -12.79 6.50 -22.82
C LYS C 187 -12.75 7.62 -21.78
N VAL C 188 -11.61 7.72 -21.10
CA VAL C 188 -11.34 8.75 -20.11
C VAL C 188 -10.02 9.41 -20.47
N TRP C 189 -9.97 10.75 -20.43
CA TRP C 189 -8.73 11.47 -20.74
C TRP C 189 -8.45 12.57 -19.73
N ASP C 190 -7.23 12.56 -19.27
CA ASP C 190 -6.68 13.62 -18.34
C ASP C 190 -5.90 14.60 -19.18
N TRP C 191 -4.71 15.04 -18.74
CA TRP C 191 -3.86 15.99 -19.44
C TRP C 191 -2.40 15.70 -19.08
N THR C 192 -1.49 16.30 -19.84
CA THR C 192 -0.08 16.30 -19.50
C THR C 192 0.43 17.67 -19.09
N ILE C 193 -0.39 18.70 -19.23
CA ILE C 193 0.01 20.09 -19.02
C ILE C 193 -1.15 20.80 -18.34
N ASP C 194 -0.92 21.32 -17.13
CA ASP C 194 -1.94 22.11 -16.42
C ASP C 194 -1.61 23.58 -16.62
N SER C 195 -2.38 24.23 -17.51
CA SER C 195 -2.21 25.65 -17.77
C SER C 195 -2.11 26.49 -16.50
N LEU C 196 -2.64 25.99 -15.38
CA LEU C 196 -2.72 26.74 -14.13
C LEU C 196 -3.43 28.07 -14.33
N ASP C 197 -4.42 28.10 -15.23
CA ASP C 197 -5.14 29.35 -15.49
C ASP C 197 -6.00 29.78 -14.31
N TRP C 198 -6.31 28.85 -13.40
CA TRP C 198 -7.19 29.14 -12.27
C TRP C 198 -6.51 29.96 -11.17
N ARG C 199 -5.18 29.94 -11.11
CA ARG C 199 -4.48 30.79 -10.16
C ARG C 199 -4.69 32.26 -10.48
N TYR C 200 -4.91 32.59 -11.76
CA TYR C 200 -4.87 33.96 -12.23
C TYR C 200 -6.25 34.58 -12.38
N ASN C 201 -7.25 33.98 -11.71
CA ASN C 201 -8.63 34.45 -11.78
C ASN C 201 -8.78 35.84 -11.22
N LYS C 202 -9.52 36.66 -11.95
CA LYS C 202 -9.97 37.95 -11.45
C LYS C 202 -8.75 38.80 -11.13
N MET C 203 -7.71 38.64 -11.96
CA MET C 203 -6.52 39.47 -12.10
C MET C 203 -6.43 39.96 -13.53
N PRO C 204 -5.78 41.15 -13.74
CA PRO C 204 -5.59 41.72 -15.08
C PRO C 204 -5.27 40.70 -16.17
N VAL C 205 -6.11 40.70 -17.20
CA VAL C 205 -6.22 39.57 -18.11
C VAL C 205 -4.96 39.39 -18.93
N ASP C 206 -4.39 40.49 -19.44
CA ASP C 206 -3.20 40.36 -20.29
C ASP C 206 -2.04 39.75 -19.52
N ALA C 207 -1.73 40.30 -18.33
CA ALA C 207 -0.63 39.78 -17.51
C ALA C 207 -0.85 38.32 -17.14
N ALA C 208 -2.04 38.00 -16.62
CA ALA C 208 -2.40 36.61 -16.36
C ALA C 208 -2.17 35.75 -17.59
N ALA C 209 -2.64 36.21 -18.74
CA ALA C 209 -2.53 35.43 -19.97
C ALA C 209 -1.08 35.13 -20.32
N ALA C 210 -0.26 36.18 -20.46
CA ALA C 210 1.16 35.99 -20.75
C ALA C 210 1.80 35.03 -19.78
N GLN C 211 1.28 34.99 -18.54
CA GLN C 211 1.73 34.09 -17.47
C GLN C 211 1.31 32.64 -17.72
N ILE C 212 0.05 32.39 -18.09
CA ILE C 212 -0.41 31.03 -18.36
C ILE C 212 0.28 30.48 -19.59
N ALA C 213 0.55 31.34 -20.58
CA ALA C 213 1.34 30.92 -21.73
C ALA C 213 2.70 30.39 -21.28
N GLN C 214 3.41 31.18 -20.47
CA GLN C 214 4.68 30.73 -19.91
C GLN C 214 4.56 29.35 -19.31
N ASN C 215 3.47 29.08 -18.57
CA ASN C 215 3.25 27.76 -17.98
C ASN C 215 3.19 26.70 -19.06
N VAL C 216 2.38 26.93 -20.10
CA VAL C 216 2.14 25.89 -21.10
C VAL C 216 3.33 25.76 -22.04
N LEU C 217 3.83 26.88 -22.57
CA LEU C 217 5.01 26.89 -23.42
C LEU C 217 6.15 26.08 -22.81
N THR C 218 6.38 26.27 -21.50
CA THR C 218 7.60 25.78 -20.88
C THR C 218 7.57 24.28 -20.65
N ASN C 219 6.39 23.70 -20.44
CA ASN C 219 6.28 22.29 -20.13
C ASN C 219 6.02 21.44 -21.36
N ALA C 220 5.98 22.04 -22.55
CA ALA C 220 5.76 21.32 -23.81
C ALA C 220 7.08 20.72 -24.28
N THR C 221 7.17 19.39 -24.30
CA THR C 221 8.49 18.80 -24.43
C THR C 221 8.52 17.42 -25.11
N LYS C 222 7.39 16.70 -25.12
CA LYS C 222 7.33 15.37 -25.71
C LYS C 222 6.47 15.38 -26.96
N PRO C 223 6.60 14.35 -27.83
CA PRO C 223 5.85 14.36 -29.12
C PRO C 223 4.36 14.60 -28.98
N GLN C 224 3.72 14.05 -27.95
CA GLN C 224 2.31 14.26 -27.69
C GLN C 224 2.14 15.06 -26.40
N GLU C 225 1.16 15.97 -26.40
CA GLU C 225 0.82 16.74 -25.22
C GLU C 225 -0.68 17.03 -25.24
N VAL C 226 -1.30 16.99 -24.07
CA VAL C 226 -2.70 17.34 -23.89
C VAL C 226 -2.75 18.40 -22.78
N ILE C 227 -3.38 19.53 -23.05
CA ILE C 227 -3.21 20.73 -22.25
C ILE C 227 -4.53 21.10 -21.61
N LEU C 228 -4.55 21.20 -20.29
CA LEU C 228 -5.77 21.51 -19.55
C LEU C 228 -5.96 23.03 -19.51
N MET C 229 -7.02 23.52 -20.16
CA MET C 229 -7.40 24.91 -20.10
C MET C 229 -8.91 25.01 -19.86
N HIS C 230 -9.37 26.19 -19.47
CA HIS C 230 -10.79 26.42 -19.19
C HIS C 230 -11.27 27.61 -20.04
N ASP C 231 -12.28 27.39 -20.87
CA ASP C 231 -12.81 28.47 -21.70
C ASP C 231 -13.91 29.28 -21.00
N ILE C 232 -14.20 28.97 -19.73
CA ILE C 232 -15.07 29.81 -18.92
C ILE C 232 -14.32 30.88 -18.18
N HIS C 233 -12.98 30.92 -18.31
CA HIS C 233 -12.17 31.93 -17.66
C HIS C 233 -11.52 32.85 -18.68
N PRO C 234 -11.52 34.17 -18.45
CA PRO C 234 -11.01 35.11 -19.48
C PRO C 234 -9.50 35.06 -19.72
N GLN C 235 -8.69 34.95 -18.66
CA GLN C 235 -7.24 34.97 -18.82
C GLN C 235 -6.74 33.77 -19.62
N SER C 236 -7.45 32.64 -19.55
CA SER C 236 -7.06 31.47 -20.32
C SER C 236 -7.28 31.70 -21.81
N VAL C 237 -8.49 32.10 -22.20
CA VAL C 237 -8.82 32.35 -23.60
C VAL C 237 -7.95 33.45 -24.18
N ALA C 238 -7.67 34.49 -23.37
CA ALA C 238 -6.84 35.59 -23.82
C ALA C 238 -5.44 35.13 -24.21
N ALA C 239 -4.97 34.03 -23.61
CA ALA C 239 -3.63 33.53 -23.84
C ALA C 239 -3.57 32.41 -24.85
N VAL C 240 -4.70 32.10 -25.49
CA VAL C 240 -4.76 31.09 -26.54
C VAL C 240 -4.01 31.59 -27.77
N PRO C 241 -3.97 32.89 -28.08
CA PRO C 241 -3.05 33.32 -29.17
C PRO C 241 -1.58 33.10 -28.83
N ALA C 242 -1.14 33.53 -27.64
CA ALA C 242 0.27 33.38 -27.28
C ALA C 242 0.69 31.93 -27.14
N ILE C 243 -0.27 31.02 -26.93
CA ILE C 243 0.06 29.60 -26.88
C ILE C 243 0.21 29.02 -28.28
N LEU C 244 -0.71 29.38 -29.19
CA LEU C 244 -0.61 28.89 -30.55
C LEU C 244 0.66 29.37 -31.23
N LYS C 245 1.16 30.52 -30.80
CA LYS C 245 2.38 31.09 -31.35
C LYS C 245 3.58 30.23 -31.04
N GLY C 246 3.94 30.13 -29.76
CA GLY C 246 5.16 29.42 -29.39
C GLY C 246 5.06 27.92 -29.54
N LEU C 247 3.87 27.35 -29.36
CA LEU C 247 3.77 25.90 -29.51
C LEU C 247 4.02 25.48 -30.95
N LYS C 248 3.47 26.21 -31.93
CA LYS C 248 3.76 25.93 -33.34
C LYS C 248 5.22 26.19 -33.64
N GLU C 249 5.74 27.32 -33.14
CA GLU C 249 7.17 27.57 -33.25
C GLU C 249 7.97 26.31 -32.91
N LYS C 250 7.69 25.72 -31.76
CA LYS C 250 8.39 24.52 -31.36
C LYS C 250 8.04 23.31 -32.25
N GLY C 251 7.23 23.46 -33.29
CA GLY C 251 6.96 22.36 -34.22
C GLY C 251 5.71 21.56 -33.95
N TYR C 252 4.73 22.11 -33.23
CA TYR C 252 3.53 21.39 -32.83
C TYR C 252 2.37 21.72 -33.77
N GLU C 253 1.59 20.70 -34.11
CA GLU C 253 0.34 20.92 -34.79
C GLU C 253 -0.82 20.75 -33.81
N PHE C 254 -1.93 21.42 -34.11
CA PHE C 254 -3.05 21.57 -33.18
C PHE C 254 -4.24 20.78 -33.72
N GLU C 255 -4.45 19.59 -33.20
CA GLU C 255 -5.57 18.77 -33.65
C GLU C 255 -6.59 18.55 -32.53
N ALA C 256 -7.83 18.31 -32.94
CA ALA C 256 -8.84 17.76 -32.08
C ALA C 256 -8.58 16.27 -31.85
N TYR C 257 -9.18 15.75 -30.78
CA TYR C 257 -9.15 14.31 -30.50
C TYR C 257 -10.02 13.58 -31.51
N HIS C 258 -9.41 12.61 -32.20
CA HIS C 258 -10.13 11.77 -33.17
C HIS C 258 -10.32 10.39 -32.58
N GLU C 259 -11.58 9.93 -32.57
CA GLU C 259 -11.94 8.75 -31.80
C GLU C 259 -11.27 7.48 -32.33
N GLU C 260 -11.13 7.38 -33.64
CA GLU C 260 -10.42 6.25 -34.23
C GLU C 260 -8.92 6.32 -33.99
N SER C 261 -8.42 7.47 -33.54
CA SER C 261 -7.01 7.61 -33.20
C SER C 261 -6.76 7.44 -31.70
N HIS C 262 -7.63 6.73 -30.98
CA HIS C 262 -7.57 6.77 -29.52
C HIS C 262 -6.29 6.12 -28.98
N PHE C 263 -5.57 6.87 -28.17
CA PHE C 263 -4.53 6.26 -27.37
C PHE C 263 -4.84 6.61 -25.93
N PRO C 264 -4.18 6.02 -24.94
CA PRO C 264 -4.48 6.39 -23.56
C PRO C 264 -3.61 7.53 -23.08
N VAL C 265 -4.25 8.41 -22.32
CA VAL C 265 -3.64 9.47 -21.54
C VAL C 265 -4.50 9.59 -20.28
N ASN C 266 -4.21 8.78 -19.27
CA ASN C 266 -4.92 8.83 -18.01
C ASN C 266 -3.95 8.58 -16.86
N PHE C 267 -4.24 9.16 -15.69
CA PHE C 267 -3.31 9.13 -14.57
C PHE C 267 -3.14 7.74 -13.99
N TRP C 268 -4.15 6.88 -14.14
CA TRP C 268 -4.05 5.50 -13.68
C TRP C 268 -3.26 4.64 -14.65
N HIS C 269 -2.87 5.19 -15.81
CA HIS C 269 -2.25 4.39 -16.87
C HIS C 269 -3.10 3.18 -17.23
N ASP C 270 -4.41 3.29 -17.03
CA ASP C 270 -5.37 2.23 -17.36
C ASP C 270 -5.61 2.30 -18.85
N ASN C 271 -5.07 1.33 -19.59
CA ASN C 271 -5.03 1.37 -21.05
C ASN C 271 -6.32 0.91 -21.69
N ARG C 272 -7.26 0.35 -20.92
CA ARG C 272 -8.56 0.05 -21.51
C ARG C 272 -9.36 1.30 -21.80
N MET C 273 -9.06 2.41 -21.12
CA MET C 273 -9.62 3.71 -21.43
C MET C 273 -8.67 4.48 -22.34
N ARG D 68 15.19 -28.54 -6.20
CA ARG D 68 13.99 -28.34 -6.99
C ARG D 68 12.96 -27.44 -6.30
N LYS D 69 12.95 -26.16 -6.66
CA LYS D 69 12.04 -25.18 -6.10
C LYS D 69 10.76 -25.13 -6.93
N VAL D 70 9.61 -24.95 -6.27
CA VAL D 70 8.36 -24.68 -6.96
C VAL D 70 7.57 -23.62 -6.20
N ALA D 71 6.92 -22.72 -6.94
CA ALA D 71 6.19 -21.58 -6.39
C ALA D 71 4.70 -21.73 -6.73
N TYR D 72 3.86 -21.75 -5.70
CA TYR D 72 2.42 -21.95 -5.87
C TYR D 72 1.80 -20.57 -5.84
N LEU D 73 1.41 -20.08 -7.02
CA LEU D 73 0.65 -18.84 -7.13
C LEU D 73 -0.79 -19.14 -6.76
N THR D 74 -1.30 -18.42 -5.77
CA THR D 74 -2.68 -18.60 -5.35
C THR D 74 -3.42 -17.28 -5.58
N PHE D 75 -4.67 -17.38 -5.95
CA PHE D 75 -5.45 -16.21 -6.31
C PHE D 75 -6.78 -16.32 -5.60
N ASP D 76 -7.03 -15.37 -4.72
CA ASP D 76 -8.13 -15.42 -3.80
C ASP D 76 -9.24 -14.45 -4.19
N ASP D 77 -10.45 -14.80 -3.75
CA ASP D 77 -11.69 -14.04 -3.90
C ASP D 77 -12.33 -14.06 -5.29
N GLY D 78 -11.85 -14.90 -6.24
CA GLY D 78 -12.41 -14.93 -7.59
C GLY D 78 -13.59 -15.87 -7.75
N PRO D 79 -14.00 -16.16 -9.02
CA PRO D 79 -13.52 -15.53 -10.24
C PRO D 79 -13.97 -14.07 -10.31
N GLY D 80 -13.39 -13.31 -11.23
CA GLY D 80 -13.74 -11.91 -11.38
C GLY D 80 -13.40 -11.42 -12.77
N LYS D 81 -13.58 -10.12 -12.97
CA LYS D 81 -13.55 -9.59 -14.34
C LYS D 81 -12.15 -9.61 -14.96
N TYR D 82 -11.09 -9.76 -14.18
CA TYR D 82 -9.76 -9.81 -14.75
C TYR D 82 -9.25 -11.23 -14.80
N THR D 83 -10.09 -12.20 -14.43
CA THR D 83 -9.66 -13.59 -14.28
C THR D 83 -9.23 -14.20 -15.61
N ALA D 84 -10.01 -13.96 -16.69
CA ALA D 84 -9.76 -14.58 -17.99
C ALA D 84 -8.46 -14.08 -18.62
N GLU D 85 -8.13 -12.80 -18.38
CA GLU D 85 -6.81 -12.28 -18.75
C GLU D 85 -5.71 -12.95 -17.93
N LEU D 86 -5.87 -12.99 -16.61
CA LEU D 86 -5.01 -13.82 -15.77
C LEU D 86 -4.86 -15.22 -16.36
N LEU D 87 -5.98 -15.83 -16.77
CA LEU D 87 -5.95 -17.18 -17.31
C LEU D 87 -5.12 -17.28 -18.59
N ASN D 88 -5.01 -16.18 -19.34
CA ASN D 88 -4.21 -16.18 -20.56
C ASN D 88 -2.73 -15.92 -20.30
N THR D 89 -2.41 -15.09 -19.30
CA THR D 89 -1.00 -14.86 -18.99
C THR D 89 -0.37 -16.10 -18.37
N LEU D 90 -1.14 -16.79 -17.53
CA LEU D 90 -0.75 -18.12 -17.05
C LEU D 90 -0.48 -19.07 -18.21
N LYS D 91 -1.49 -19.26 -19.05
CA LYS D 91 -1.44 -20.14 -20.22
C LYS D 91 -0.19 -19.88 -21.07
N GLN D 92 0.23 -18.61 -21.19
CA GLN D 92 1.30 -18.22 -22.12
C GLN D 92 2.69 -18.64 -21.63
N HIS D 93 2.94 -18.56 -20.33
CA HIS D 93 4.20 -19.02 -19.75
C HIS D 93 4.06 -20.42 -19.15
N ASP D 94 3.19 -21.24 -19.72
CA ASP D 94 3.00 -22.65 -19.35
C ASP D 94 3.01 -22.82 -17.84
N ALA D 95 2.30 -21.93 -17.16
CA ALA D 95 2.36 -21.81 -15.70
C ALA D 95 1.02 -22.19 -15.09
N LYS D 96 1.06 -23.02 -14.05
CA LYS D 96 -0.14 -23.52 -13.40
C LYS D 96 -0.26 -22.96 -11.99
N ALA D 97 -1.50 -22.74 -11.55
CA ALA D 97 -1.75 -21.95 -10.36
C ALA D 97 -3.00 -22.47 -9.66
N THR D 98 -3.40 -21.79 -8.60
CA THR D 98 -4.40 -22.29 -7.68
C THR D 98 -5.37 -21.17 -7.41
N PHE D 99 -6.66 -21.50 -7.38
CA PHE D 99 -7.71 -20.49 -7.25
C PHE D 99 -8.65 -20.85 -6.10
N PHE D 100 -8.77 -19.96 -5.13
CA PHE D 100 -9.70 -20.14 -4.03
C PHE D 100 -10.85 -19.20 -4.25
N LEU D 101 -12.05 -19.73 -4.41
CA LEU D 101 -13.17 -18.96 -4.96
C LEU D 101 -14.26 -18.68 -3.93
N ILE D 102 -14.99 -17.61 -4.15
CA ILE D 102 -16.16 -17.28 -3.34
C ILE D 102 -17.41 -17.71 -4.11
N GLY D 103 -18.39 -18.24 -3.39
CA GLY D 103 -19.49 -18.91 -4.06
C GLY D 103 -20.37 -17.97 -4.84
N ALA D 104 -20.48 -16.72 -4.38
CA ALA D 104 -21.24 -15.74 -5.15
C ALA D 104 -20.65 -15.55 -6.53
N ASN D 105 -19.33 -15.70 -6.65
CA ASN D 105 -18.62 -15.58 -7.93
C ASN D 105 -18.41 -16.92 -8.62
N VAL D 106 -18.54 -18.02 -7.91
CA VAL D 106 -18.75 -19.29 -8.58
C VAL D 106 -20.02 -19.22 -9.43
N LYS D 107 -21.06 -18.55 -8.92
CA LYS D 107 -22.35 -18.54 -9.58
C LYS D 107 -22.44 -17.47 -10.67
N GLU D 108 -21.71 -16.37 -10.50
CA GLU D 108 -21.73 -15.34 -11.52
C GLU D 108 -20.82 -15.69 -12.69
N PHE D 109 -19.69 -16.38 -12.47
CA PHE D 109 -18.72 -16.63 -13.54
C PHE D 109 -18.43 -18.12 -13.71
N PRO D 110 -19.46 -18.96 -13.88
CA PRO D 110 -19.21 -20.41 -13.96
C PRO D 110 -18.29 -20.84 -15.09
N ASP D 111 -18.36 -20.21 -16.26
CA ASP D 111 -17.44 -20.52 -17.34
C ASP D 111 -15.99 -20.44 -16.88
N LEU D 112 -15.68 -19.45 -16.03
CA LEU D 112 -14.30 -19.16 -15.66
C LEU D 112 -13.76 -20.15 -14.63
N VAL D 113 -14.61 -20.66 -13.74
CA VAL D 113 -14.20 -21.81 -12.96
C VAL D 113 -14.00 -23.03 -13.86
N LYS D 114 -15.02 -23.41 -14.65
CA LYS D 114 -14.86 -24.44 -15.67
C LYS D 114 -13.53 -24.33 -16.39
N ARG D 115 -13.19 -23.10 -16.78
CA ARG D 115 -11.99 -22.87 -17.59
C ARG D 115 -10.70 -23.05 -16.77
N GLU D 116 -10.60 -22.37 -15.61
CA GLU D 116 -9.44 -22.53 -14.70
C GLU D 116 -9.12 -24.00 -14.51
N ASN D 117 -10.14 -24.77 -14.18
CA ASN D 117 -9.98 -26.22 -14.06
C ASN D 117 -9.51 -26.84 -15.36
N ALA D 118 -10.21 -26.55 -16.45
CA ALA D 118 -9.86 -27.18 -17.71
C ALA D 118 -8.46 -26.82 -18.19
N GLU D 119 -7.84 -25.77 -17.65
CA GLU D 119 -6.49 -25.43 -18.08
C GLU D 119 -5.40 -25.97 -17.16
N GLY D 120 -5.77 -26.73 -16.14
CA GLY D 120 -4.80 -27.36 -15.27
C GLY D 120 -4.55 -26.61 -13.97
N HIS D 121 -5.53 -25.92 -13.44
CA HIS D 121 -5.34 -25.19 -12.21
C HIS D 121 -6.18 -25.83 -11.12
N TYR D 122 -5.67 -25.76 -9.89
CA TYR D 122 -6.46 -26.19 -8.75
C TYR D 122 -7.50 -25.13 -8.47
N VAL D 123 -8.69 -25.58 -8.17
CA VAL D 123 -9.82 -24.72 -7.85
C VAL D 123 -10.23 -25.13 -6.45
N GLY D 124 -10.06 -24.23 -5.50
CA GLY D 124 -10.40 -24.52 -4.12
C GLY D 124 -11.39 -23.48 -3.62
N MET D 125 -11.93 -23.76 -2.43
CA MET D 125 -12.93 -22.90 -1.83
C MET D 125 -12.26 -21.79 -0.98
N HIS D 126 -13.00 -20.69 -0.82
CA HIS D 126 -12.63 -19.55 0.00
C HIS D 126 -13.90 -18.96 0.60
N SER D 127 -14.87 -19.84 0.86
CA SER D 127 -16.14 -19.55 1.53
C SER D 127 -17.27 -18.99 0.67
N MET D 128 -18.44 -18.82 1.30
CA MET D 128 -19.62 -18.21 0.70
C MET D 128 -19.67 -16.72 0.96
N THR D 129 -19.75 -16.33 2.24
CA THR D 129 -19.96 -14.94 2.64
C THR D 129 -18.66 -14.15 2.71
N HIS D 130 -17.54 -14.78 3.06
CA HIS D 130 -16.28 -14.08 3.30
C HIS D 130 -16.41 -13.12 4.47
N ASN D 131 -17.24 -13.50 5.45
CA ASN D 131 -17.63 -12.68 6.58
C ASN D 131 -17.04 -13.27 7.86
N PHE D 132 -16.04 -12.58 8.43
CA PHE D 132 -15.30 -13.10 9.57
C PHE D 132 -16.23 -13.48 10.72
N ALA D 133 -17.19 -12.62 11.06
CA ALA D 133 -18.07 -12.94 12.17
C ALA D 133 -18.81 -14.25 11.92
N LYS D 134 -19.35 -14.42 10.70
CA LYS D 134 -20.13 -15.61 10.37
C LYS D 134 -19.24 -16.85 10.26
N LEU D 135 -18.04 -16.68 9.71
CA LEU D 135 -17.15 -17.80 9.50
C LEU D 135 -16.63 -18.38 10.81
N TYR D 136 -16.04 -17.53 11.66
CA TYR D 136 -15.26 -17.98 12.82
C TYR D 136 -15.99 -17.76 14.13
N LYS D 137 -16.59 -16.60 14.38
CA LYS D 137 -17.30 -16.42 15.64
C LYS D 137 -18.53 -17.32 15.71
N ASN D 138 -19.25 -17.45 14.61
CA ASN D 138 -20.42 -18.31 14.55
C ASN D 138 -20.10 -19.69 14.03
N GLY D 139 -18.86 -19.94 13.64
CA GLY D 139 -18.40 -21.26 13.29
C GLY D 139 -18.98 -21.85 12.03
N GLU D 140 -19.52 -21.04 11.11
CA GLU D 140 -20.00 -21.53 9.83
C GLU D 140 -18.88 -21.68 8.80
N TYR D 141 -17.64 -21.87 9.24
CA TYR D 141 -16.55 -22.12 8.31
C TYR D 141 -16.80 -23.41 7.52
N VAL D 142 -16.95 -24.53 8.22
CA VAL D 142 -17.02 -25.79 7.48
C VAL D 142 -18.32 -25.87 6.73
N ASN D 143 -19.40 -25.31 7.28
CA ASN D 143 -20.64 -25.22 6.51
C ASN D 143 -20.39 -24.50 5.19
N GLU D 144 -19.69 -23.38 5.22
CA GLU D 144 -19.57 -22.59 4.02
C GLU D 144 -18.59 -23.20 3.04
N MET D 145 -17.54 -23.87 3.52
CA MET D 145 -16.64 -24.48 2.54
C MET D 145 -17.23 -25.73 1.93
N LYS D 146 -18.21 -26.33 2.58
CA LYS D 146 -18.88 -27.46 1.96
C LYS D 146 -19.86 -26.97 0.90
N GLU D 147 -20.57 -25.87 1.18
CA GLU D 147 -21.46 -25.29 0.18
C GLU D 147 -20.68 -24.88 -1.05
N ASP D 148 -19.57 -24.19 -0.85
CA ASP D 148 -18.70 -23.83 -1.97
C ASP D 148 -18.28 -25.06 -2.75
N GLN D 149 -17.78 -26.08 -2.05
CA GLN D 149 -17.51 -27.39 -2.60
C GLN D 149 -18.58 -27.86 -3.57
N GLY D 150 -19.82 -27.84 -3.10
CA GLY D 150 -20.95 -28.27 -3.90
C GLY D 150 -20.99 -27.60 -5.24
N LEU D 151 -21.02 -26.25 -5.22
CA LEU D 151 -21.16 -25.51 -6.47
C LEU D 151 -19.97 -25.75 -7.38
N ILE D 152 -18.76 -25.74 -6.84
CA ILE D 152 -17.59 -25.94 -7.68
C ILE D 152 -17.68 -27.30 -8.37
N ALA D 153 -18.19 -28.31 -7.67
CA ALA D 153 -18.19 -29.66 -8.21
C ALA D 153 -19.17 -29.79 -9.38
N ASN D 154 -20.38 -29.23 -9.23
CA ASN D 154 -21.37 -29.27 -10.30
C ASN D 154 -20.87 -28.65 -11.60
N ILE D 155 -19.81 -27.86 -11.54
CA ILE D 155 -19.23 -27.23 -12.71
C ILE D 155 -18.03 -28.01 -13.24
N ILE D 156 -17.16 -28.51 -12.36
CA ILE D 156 -15.97 -29.24 -12.77
C ILE D 156 -16.01 -30.72 -12.43
N GLY D 157 -17.12 -31.20 -11.87
CA GLY D 157 -17.30 -32.63 -11.70
C GLY D 157 -16.31 -33.28 -10.78
N LYS D 158 -15.95 -32.61 -9.68
CA LYS D 158 -15.06 -33.17 -8.66
C LYS D 158 -15.09 -32.25 -7.45
N SER D 159 -15.04 -32.85 -6.26
CA SER D 159 -15.18 -32.08 -5.03
C SER D 159 -13.81 -31.81 -4.45
N PRO D 160 -13.23 -30.63 -4.65
CA PRO D 160 -11.90 -30.35 -4.10
C PRO D 160 -11.97 -30.38 -2.58
N LYS D 161 -10.81 -30.54 -1.94
CA LYS D 161 -10.79 -30.63 -0.49
C LYS D 161 -10.11 -29.45 0.20
N LEU D 162 -9.21 -28.74 -0.50
CA LEU D 162 -8.47 -27.63 0.10
C LEU D 162 -9.32 -26.38 0.23
N THR D 163 -9.22 -25.73 1.39
CA THR D 163 -9.83 -24.45 1.61
C THR D 163 -8.75 -23.42 1.93
N ARG D 164 -9.16 -22.18 1.97
CA ARG D 164 -8.27 -21.06 2.22
C ARG D 164 -9.09 -20.02 2.97
N PRO D 165 -8.73 -19.76 4.22
CA PRO D 165 -9.60 -18.99 5.11
C PRO D 165 -9.60 -17.52 4.72
N PRO D 166 -10.78 -16.91 4.60
CA PRO D 166 -10.82 -15.45 4.53
C PRO D 166 -10.06 -14.87 5.70
N TYR D 167 -9.21 -13.91 5.39
CA TYR D 167 -8.34 -13.29 6.39
C TYR D 167 -7.44 -14.29 7.09
N GLY D 168 -7.18 -15.42 6.45
CA GLY D 168 -6.22 -16.39 6.94
C GLY D 168 -6.73 -17.19 8.11
N SER D 169 -6.03 -18.28 8.44
CA SER D 169 -6.49 -19.12 9.53
C SER D 169 -6.30 -18.46 10.89
N MET D 170 -5.31 -17.56 11.06
CA MET D 170 -4.98 -17.01 12.37
C MET D 170 -5.56 -15.61 12.57
N PRO D 171 -6.40 -15.39 13.59
CA PRO D 171 -6.74 -16.34 14.66
C PRO D 171 -8.17 -16.85 14.61
N GLY D 172 -8.82 -16.80 13.44
CA GLY D 172 -10.24 -17.12 13.39
C GLY D 172 -10.52 -18.61 13.57
N LEU D 173 -9.70 -19.47 12.96
CA LEU D 173 -9.93 -20.90 12.98
C LEU D 173 -9.44 -21.49 14.29
N ASN D 174 -10.27 -21.36 15.32
CA ASN D 174 -9.93 -21.88 16.63
C ASN D 174 -9.79 -23.40 16.58
N GLU D 175 -9.35 -23.97 17.73
CA GLU D 175 -9.10 -25.41 17.81
C GLU D 175 -10.35 -26.22 17.46
N GLY D 176 -11.52 -25.75 17.89
CA GLY D 176 -12.75 -26.46 17.60
C GLY D 176 -12.99 -26.55 16.10
N LEU D 177 -13.02 -25.38 15.44
CA LEU D 177 -13.23 -25.35 14.00
C LEU D 177 -12.12 -26.09 13.28
N ARG D 178 -10.91 -26.06 13.82
CA ARG D 178 -9.85 -26.86 13.21
C ARG D 178 -10.15 -28.34 13.30
N ASN D 179 -10.82 -28.76 14.38
CA ASN D 179 -11.16 -30.17 14.51
C ASN D 179 -12.24 -30.53 13.50
N LYS D 180 -13.24 -29.66 13.35
CA LYS D 180 -14.29 -29.89 12.37
C LYS D 180 -13.73 -29.94 10.95
N VAL D 181 -12.82 -29.01 10.63
CA VAL D 181 -12.16 -29.01 9.31
C VAL D 181 -11.55 -30.37 9.03
N VAL D 182 -10.81 -30.91 10.01
CA VAL D 182 -10.23 -32.24 9.87
C VAL D 182 -11.33 -33.28 9.74
N GLU D 183 -12.38 -33.17 10.58
CA GLU D 183 -13.46 -34.14 10.58
C GLU D 183 -14.22 -34.19 9.25
N GLY D 184 -14.15 -33.13 8.45
CA GLY D 184 -14.86 -33.06 7.19
C GLY D 184 -14.07 -33.40 5.95
N GLY D 185 -12.81 -33.81 6.09
CA GLY D 185 -11.97 -34.17 4.95
C GLY D 185 -11.22 -33.00 4.35
N PHE D 186 -11.59 -31.78 4.70
CA PHE D 186 -10.96 -30.59 4.15
C PHE D 186 -9.53 -30.42 4.64
N LYS D 187 -8.70 -29.86 3.78
CA LYS D 187 -7.42 -29.29 4.18
C LYS D 187 -7.54 -27.77 4.19
N VAL D 188 -6.51 -27.13 4.73
CA VAL D 188 -6.54 -25.69 4.90
C VAL D 188 -5.18 -25.15 4.48
N TRP D 189 -5.18 -24.09 3.68
CA TRP D 189 -3.95 -23.42 3.27
C TRP D 189 -4.02 -21.95 3.63
N ASP D 190 -2.98 -21.47 4.29
CA ASP D 190 -2.61 -20.07 4.37
C ASP D 190 -1.52 -19.87 3.34
N TRP D 191 -0.52 -19.05 3.64
CA TRP D 191 0.50 -18.71 2.65
C TRP D 191 1.77 -18.29 3.38
N THR D 192 2.86 -18.21 2.61
CA THR D 192 4.17 -17.84 3.12
C THR D 192 4.72 -16.57 2.49
N ILE D 193 4.04 -16.01 1.49
CA ILE D 193 4.35 -14.69 0.95
C ILE D 193 3.03 -14.00 0.74
N ASP D 194 2.95 -12.76 1.17
CA ASP D 194 1.73 -11.98 1.00
C ASP D 194 2.13 -10.84 0.09
N SER D 195 1.80 -11.00 -1.20
CA SER D 195 2.08 -9.96 -2.18
C SER D 195 1.61 -8.60 -1.71
N LEU D 196 0.54 -8.55 -0.92
CA LEU D 196 -0.12 -7.31 -0.51
C LEU D 196 -0.78 -6.61 -1.70
N ASP D 197 -1.13 -7.40 -2.71
CA ASP D 197 -1.59 -6.83 -3.98
C ASP D 197 -2.77 -5.87 -3.79
N TRP D 198 -3.73 -6.23 -2.94
CA TRP D 198 -4.95 -5.44 -2.91
C TRP D 198 -4.78 -4.11 -2.22
N ARG D 199 -3.63 -3.87 -1.62
CA ARG D 199 -3.41 -2.61 -0.93
C ARG D 199 -2.89 -1.53 -1.88
N TYR D 200 -2.64 -1.89 -3.14
CA TYR D 200 -2.13 -0.98 -4.16
C TYR D 200 -3.24 -0.54 -5.15
N ASN D 201 -4.25 0.12 -4.60
CA ASN D 201 -5.43 0.55 -5.34
C ASN D 201 -5.51 2.08 -5.48
N LYS D 202 -4.41 2.82 -5.30
CA LYS D 202 -4.48 4.27 -5.33
C LYS D 202 -3.32 4.89 -6.11
N MET D 203 -2.86 4.22 -7.17
CA MET D 203 -1.69 4.62 -7.93
C MET D 203 -1.85 4.16 -9.38
N PRO D 204 -1.06 4.74 -10.29
CA PRO D 204 -0.96 4.13 -11.63
C PRO D 204 -0.78 2.62 -11.52
N VAL D 205 -1.47 1.89 -12.39
CA VAL D 205 -1.48 0.43 -12.30
C VAL D 205 -0.12 -0.14 -12.66
N ASP D 206 0.53 0.44 -13.67
CA ASP D 206 1.87 0.01 -14.06
C ASP D 206 2.81 0.05 -12.87
N ALA D 207 2.75 1.12 -12.07
CA ALA D 207 3.60 1.31 -10.91
C ALA D 207 3.23 0.36 -9.77
N ALA D 208 1.94 0.17 -9.51
CA ALA D 208 1.50 -0.77 -8.47
C ALA D 208 1.95 -2.19 -8.79
N ALA D 209 1.79 -2.62 -10.05
CA ALA D 209 2.21 -3.97 -10.40
C ALA D 209 3.70 -4.19 -10.10
N ALA D 210 4.53 -3.17 -10.34
CA ALA D 210 5.97 -3.34 -10.18
C ALA D 210 6.37 -3.43 -8.71
N GLN D 211 5.64 -2.76 -7.82
CA GLN D 211 5.96 -2.89 -6.40
C GLN D 211 5.47 -4.23 -5.86
N ILE D 212 4.25 -4.63 -6.26
CA ILE D 212 3.72 -5.96 -6.02
C ILE D 212 4.72 -7.01 -6.47
N ALA D 213 5.34 -6.83 -7.62
CA ALA D 213 6.29 -7.84 -8.09
C ALA D 213 7.54 -7.84 -7.22
N GLN D 214 8.06 -6.65 -6.93
CA GLN D 214 9.19 -6.50 -6.02
C GLN D 214 8.92 -7.23 -4.73
N ASN D 215 7.71 -7.04 -4.18
CA ASN D 215 7.29 -7.72 -2.96
C ASN D 215 7.44 -9.23 -3.08
N VAL D 216 6.86 -9.82 -4.11
CA VAL D 216 6.89 -11.27 -4.25
C VAL D 216 8.31 -11.76 -4.51
N LEU D 217 9.02 -11.08 -5.40
CA LEU D 217 10.37 -11.50 -5.73
C LEU D 217 11.28 -11.46 -4.51
N THR D 218 11.31 -10.33 -3.78
CA THR D 218 12.34 -10.28 -2.73
C THR D 218 12.02 -11.16 -1.52
N ASN D 219 10.88 -11.86 -1.49
CA ASN D 219 10.55 -12.76 -0.40
C ASN D 219 10.52 -14.23 -0.82
N ALA D 220 10.78 -14.51 -2.10
CA ALA D 220 10.85 -15.88 -2.59
C ALA D 220 12.26 -16.37 -2.37
N THR D 221 12.44 -17.13 -1.28
CA THR D 221 13.76 -17.54 -0.81
C THR D 221 13.84 -19.00 -0.43
N LYS D 222 12.73 -19.66 -0.11
CA LYS D 222 12.57 -21.03 0.33
C LYS D 222 12.23 -21.95 -0.83
N PRO D 223 12.45 -23.27 -0.68
CA PRO D 223 12.17 -24.19 -1.80
C PRO D 223 10.73 -24.18 -2.23
N GLN D 224 9.80 -24.22 -1.29
CA GLN D 224 8.40 -23.98 -1.59
C GLN D 224 8.01 -22.59 -1.09
N GLU D 225 7.23 -21.88 -1.92
CA GLU D 225 6.62 -20.61 -1.55
C GLU D 225 5.17 -20.63 -1.98
N VAL D 226 4.28 -20.11 -1.15
CA VAL D 226 2.87 -20.05 -1.45
C VAL D 226 2.49 -18.58 -1.44
N ILE D 227 2.23 -18.02 -2.61
CA ILE D 227 2.19 -16.58 -2.81
C ILE D 227 0.74 -16.11 -2.88
N LEU D 228 0.35 -15.26 -1.93
CA LEU D 228 -1.02 -14.76 -1.81
C LEU D 228 -1.27 -13.67 -2.84
N MET D 229 -2.24 -13.88 -3.74
CA MET D 229 -2.73 -12.79 -4.59
C MET D 229 -4.24 -12.87 -4.73
N HIS D 230 -4.78 -11.86 -5.42
CA HIS D 230 -6.21 -11.71 -5.68
C HIS D 230 -6.40 -11.38 -7.16
N ASP D 231 -7.19 -12.18 -7.87
CA ASP D 231 -7.44 -11.93 -9.28
C ASP D 231 -8.63 -11.03 -9.51
N ILE D 232 -9.07 -10.32 -8.47
CA ILE D 232 -10.19 -9.43 -8.61
C ILE D 232 -9.76 -7.96 -8.61
N HIS D 233 -8.45 -7.69 -8.78
CA HIS D 233 -7.90 -6.34 -8.84
C HIS D 233 -6.97 -6.22 -10.03
N PRO D 234 -7.10 -5.16 -10.84
CA PRO D 234 -6.25 -5.04 -12.02
C PRO D 234 -4.76 -4.99 -11.72
N GLN D 235 -4.34 -4.29 -10.64
CA GLN D 235 -2.91 -4.18 -10.34
C GLN D 235 -2.28 -5.54 -10.07
N SER D 236 -3.11 -6.53 -9.70
CA SER D 236 -2.65 -7.84 -9.28
C SER D 236 -2.28 -8.68 -10.50
N VAL D 237 -3.24 -8.87 -11.39
CA VAL D 237 -3.05 -9.58 -12.66
C VAL D 237 -1.98 -8.90 -13.52
N ALA D 238 -1.80 -7.58 -13.37
CA ALA D 238 -0.75 -6.85 -14.08
C ALA D 238 0.65 -7.25 -13.63
N ALA D 239 0.78 -7.74 -12.39
CA ALA D 239 2.07 -8.08 -11.80
C ALA D 239 2.50 -9.49 -12.09
N VAL D 240 1.54 -10.37 -12.39
CA VAL D 240 1.84 -11.78 -12.64
C VAL D 240 2.88 -11.96 -13.75
N PRO D 241 2.83 -11.21 -14.85
CA PRO D 241 3.93 -11.33 -15.84
C PRO D 241 5.31 -11.17 -15.22
N ALA D 242 5.57 -10.04 -14.56
CA ALA D 242 6.88 -9.81 -13.98
C ALA D 242 7.19 -10.82 -12.87
N ILE D 243 6.16 -11.28 -12.15
CA ILE D 243 6.39 -12.28 -11.12
C ILE D 243 6.86 -13.60 -11.75
N LEU D 244 6.22 -13.99 -12.85
CA LEU D 244 6.56 -15.26 -13.50
C LEU D 244 7.95 -15.21 -14.10
N LYS D 245 8.38 -14.05 -14.60
CA LYS D 245 9.72 -13.95 -15.18
C LYS D 245 10.78 -13.95 -14.10
N GLY D 246 10.52 -13.27 -12.98
CA GLY D 246 11.52 -13.16 -11.94
C GLY D 246 11.71 -14.47 -11.18
N LEU D 247 10.61 -15.12 -10.81
CA LEU D 247 10.74 -16.30 -9.99
C LEU D 247 11.46 -17.42 -10.72
N LYS D 248 11.18 -17.61 -12.02
CA LYS D 248 11.86 -18.71 -12.67
C LYS D 248 13.28 -18.34 -13.10
N GLU D 249 13.59 -17.05 -13.22
CA GLU D 249 14.99 -16.65 -13.23
C GLU D 249 15.68 -17.12 -11.95
N LYS D 250 14.97 -17.06 -10.83
CA LYS D 250 15.47 -17.53 -9.54
C LYS D 250 15.41 -19.03 -9.40
N GLY D 251 14.87 -19.74 -10.39
CA GLY D 251 14.81 -21.19 -10.33
C GLY D 251 13.55 -21.78 -9.75
N TYR D 252 12.41 -21.12 -9.91
CA TYR D 252 11.13 -21.64 -9.46
C TYR D 252 10.32 -22.15 -10.65
N GLU D 253 9.58 -23.23 -10.41
CA GLU D 253 8.53 -23.66 -11.32
C GLU D 253 7.17 -23.37 -10.70
N PHE D 254 6.18 -23.22 -11.57
CA PHE D 254 4.87 -22.68 -11.19
C PHE D 254 3.85 -23.80 -11.31
N GLU D 255 3.64 -24.51 -10.22
CA GLU D 255 2.71 -25.61 -10.21
C GLU D 255 1.46 -25.28 -9.43
N ALA D 256 0.41 -26.03 -9.74
CA ALA D 256 -0.81 -26.01 -8.98
C ALA D 256 -0.64 -26.84 -7.74
N TYR D 257 -1.57 -26.68 -6.81
CA TYR D 257 -1.70 -27.59 -5.68
C TYR D 257 -2.21 -28.92 -6.20
N HIS D 258 -1.44 -30.00 -5.99
CA HIS D 258 -1.90 -31.35 -6.30
C HIS D 258 -2.46 -31.97 -5.03
N GLU D 259 -3.68 -32.45 -5.12
CA GLU D 259 -4.37 -32.94 -3.93
C GLU D 259 -3.66 -34.14 -3.34
N GLU D 260 -3.14 -35.02 -4.20
CA GLU D 260 -2.48 -36.23 -3.72
CA GLU D 260 -2.48 -36.22 -3.69
C GLU D 260 -1.17 -35.92 -3.01
N SER D 261 -0.54 -34.77 -3.31
CA SER D 261 0.77 -34.41 -2.81
C SER D 261 0.71 -33.33 -1.73
N HIS D 262 -0.25 -33.42 -0.82
CA HIS D 262 -0.49 -32.31 0.10
C HIS D 262 0.55 -32.27 1.21
N PHE D 263 1.14 -31.09 1.43
CA PHE D 263 1.96 -30.76 2.56
C PHE D 263 1.42 -29.51 3.25
N PRO D 264 1.45 -29.43 4.58
CA PRO D 264 0.67 -28.42 5.29
C PRO D 264 1.28 -27.03 5.19
N VAL D 265 0.41 -26.04 5.15
CA VAL D 265 0.84 -24.64 5.15
C VAL D 265 -0.23 -23.88 5.92
N ASN D 266 -0.08 -23.79 7.23
CA ASN D 266 -1.06 -23.05 8.00
C ASN D 266 -0.36 -22.24 9.07
N PHE D 267 -1.02 -21.17 9.51
CA PHE D 267 -0.43 -20.33 10.54
C PHE D 267 -0.43 -21.00 11.91
N TRP D 268 -1.27 -22.02 12.11
CA TRP D 268 -1.36 -22.69 13.40
C TRP D 268 -0.34 -23.79 13.56
N HIS D 269 0.43 -24.10 12.51
CA HIS D 269 1.40 -25.19 12.51
C HIS D 269 0.74 -26.55 12.71
N ASP D 270 -0.53 -26.65 12.34
CA ASP D 270 -1.33 -27.87 12.51
C ASP D 270 -1.19 -28.74 11.26
N ASN D 271 -0.56 -29.90 11.41
CA ASN D 271 -0.22 -30.74 10.26
C ASN D 271 -1.26 -31.82 9.98
N ARG D 272 -2.42 -31.77 10.63
CA ARG D 272 -3.56 -32.53 10.17
C ARG D 272 -4.32 -31.81 9.04
N MET D 273 -3.95 -30.56 8.75
CA MET D 273 -4.62 -29.74 7.75
C MET D 273 -3.61 -29.61 6.61
#